data_3B69
#
_entry.id   3B69
#
_cell.length_a   54.430
_cell.length_b   129.200
_cell.length_c   54.440
_cell.angle_alpha   90.000
_cell.angle_beta   107.530
_cell.angle_gamma   90.000
#
_symmetry.space_group_name_H-M   'P 1 21 1'
#
loop_
_entity.id
_entity.type
_entity.pdbx_description
1 polymer Trans-sialidase
2 non-polymer 'CHLORIDE ION'
3 non-polymer '5-acetamido-9-(benzoylamino)-3,5,9-trideoxy-3-fluoro-D-erythro-alpha-L-manno-non-2-ulopyranosonic acid'
4 non-polymer '4-(2-HYDROXYETHYL)-1-PIPERAZINE ETHANESULFONIC ACID'
5 water water
#
_entity_poly.entity_id   1
_entity_poly.type   'polypeptide(L)'
_entity_poly.pdbx_seq_one_letter_code
;MGGSHHHHHHGMASLAPGSSRVELFKRQSSKVPFEKDGKVTERVVHSFRLPALVNVDGVMVAIADARYETSFDNSLIDTV
AKYSVDDGETWETQIAIKNSRASSVSRVVDPTVIVKGNKLYVLVGSYNSSRSYWTSHGDARDWDILLAVGEVTKSTAGGK
ITASIKWGSPVSLKEFFPAEMEGMHTNQFLGGAGVAIVASNGNLVYPVQVTNKKKQVFSKIFYSEDEGKTWKFGKGRSAF
GCSEPVALEWEGKLIINTRVDYRRRLVYESSDMGNTWLEAVGTLSRVWGPSPKSNQPGSQSSFTAVTIEGMRVMLFTHPL
NFKGRWLRDRLNLWLTDNQRIYNVGQVSIGDENSAYSSVLYKDDKLYCLHEINSNEVYSLVFARLVGELRIIKSVLQSWK
NWDSHLSSICTPADPAASSSERGCGPAVTTVGLVGFLSHSATKTEWEDAYRCVNASTANAERVPNGLKFAGVGGGALWPV
SQQGQNQRYHFANHAFTLVASVTIHEVPKGASPLLGASLDSSGGKKLLGLSYDKRHQWQPIYGSTPVTPTGSWEMGKRYH
VVLTMANKIGSVYIDGEPLEGSGQTVVPDERTPDISHFYVGGYKRSGMPTDSRVTVNNVLLYNRQLNAEEIRTLFLSQDL
IGTEAHMD
;
_entity_poly.pdbx_strand_id   A
#
loop_
_chem_comp.id
_chem_comp.type
_chem_comp.name
_chem_comp.formula
BFN D-saccharide, beta linking '5-acetamido-9-(benzoylamino)-3,5,9-trideoxy-3-fluoro-D-erythro-alpha-L-manno-non-2-ulopyranosonic acid' 'C18 H23 F N2 O9'
CL non-polymer 'CHLORIDE ION' 'Cl -1'
EPE non-polymer '4-(2-HYDROXYETHYL)-1-PIPERAZINE ETHANESULFONIC ACID' 'C8 H18 N2 O4 S'
#
# COMPACT_ATOMS: atom_id res chain seq x y z
N ALA A 13 -4.72 -16.46 11.23
CA ALA A 13 -5.43 -16.72 9.94
C ALA A 13 -4.64 -17.73 9.06
N SER A 14 -5.01 -17.85 7.81
CA SER A 14 -4.23 -18.71 6.94
C SER A 14 -4.64 -18.37 5.53
N LEU A 15 -4.25 -19.22 4.60
CA LEU A 15 -4.61 -19.03 3.20
C LEU A 15 -6.14 -19.17 3.00
N ALA A 16 -6.69 -18.37 2.08
CA ALA A 16 -8.13 -18.41 1.78
C ALA A 16 -8.52 -19.78 1.22
N PRO A 17 -9.74 -20.26 1.50
CA PRO A 17 -10.11 -21.58 0.97
C PRO A 17 -9.82 -21.81 -0.52
N GLY A 18 -9.32 -23.00 -0.82
CA GLY A 18 -9.02 -23.30 -2.20
C GLY A 18 -7.55 -23.02 -2.43
N SER A 19 -6.92 -22.34 -1.48
CA SER A 19 -5.50 -22.03 -1.58
C SER A 19 -4.70 -23.04 -0.76
N SER A 20 -3.46 -23.30 -1.21
CA SER A 20 -2.52 -24.22 -0.54
C SER A 20 -1.08 -23.79 -0.91
N ARG A 21 -0.09 -24.45 -0.30
CA ARG A 21 1.34 -24.17 -0.59
C ARG A 21 2.22 -25.43 -0.41
N VAL A 22 3.51 -25.24 -0.66
CA VAL A 22 4.53 -26.27 -0.48
C VAL A 22 5.87 -25.56 -0.26
N GLU A 23 6.69 -26.14 0.61
CA GLU A 23 8.03 -25.62 0.87
C GLU A 23 8.84 -25.89 -0.40
N LEU A 24 8.97 -24.90 -1.27
CA LEU A 24 9.70 -25.07 -2.52
C LEU A 24 11.22 -25.13 -2.26
N PHE A 25 11.75 -24.09 -1.63
CA PHE A 25 13.18 -23.99 -1.29
C PHE A 25 13.22 -24.39 0.18
N LYS A 26 13.48 -25.68 0.44
CA LYS A 26 13.52 -26.28 1.80
C LYS A 26 14.87 -26.09 2.48
N ARG A 27 14.84 -25.45 3.64
CA ARG A 27 16.05 -25.17 4.40
C ARG A 27 16.78 -26.43 4.89
N GLN A 28 18.09 -26.48 4.63
CA GLN A 28 18.94 -27.60 5.02
C GLN A 28 18.50 -28.91 4.40
N SER A 29 17.92 -28.84 3.21
CA SER A 29 17.43 -30.01 2.52
C SER A 29 17.61 -29.87 1.02
N SER A 30 17.04 -28.80 0.44
CA SER A 30 17.17 -28.56 -0.99
C SER A 30 18.64 -28.35 -1.33
N LYS A 31 19.06 -28.93 -2.45
CA LYS A 31 20.43 -28.83 -2.90
C LYS A 31 20.56 -28.02 -4.19
N VAL A 32 21.73 -27.42 -4.39
CA VAL A 32 21.99 -26.60 -5.56
C VAL A 32 23.34 -27.04 -6.16
N PRO A 33 23.60 -26.67 -7.42
CA PRO A 33 24.87 -27.02 -8.09
C PRO A 33 25.97 -25.99 -7.82
N PHE A 34 26.50 -26.02 -6.60
CA PHE A 34 27.56 -25.12 -6.15
C PHE A 34 28.84 -25.34 -6.98
N GLU A 35 29.27 -24.33 -7.72
CA GLU A 35 30.47 -24.45 -8.52
C GLU A 35 31.68 -23.78 -7.84
N LYS A 36 32.81 -24.49 -7.77
CA LYS A 36 34.02 -23.95 -7.19
C LYS A 36 35.23 -24.66 -7.77
N ASP A 37 36.12 -23.89 -8.38
CA ASP A 37 37.33 -24.44 -8.97
C ASP A 37 36.97 -25.32 -10.17
N GLY A 38 36.18 -24.77 -11.09
CA GLY A 38 35.80 -25.51 -12.28
C GLY A 38 35.01 -26.78 -11.98
N LYS A 39 34.75 -27.03 -10.71
CA LYS A 39 34.00 -28.21 -10.30
C LYS A 39 32.59 -27.77 -9.95
N VAL A 40 31.69 -28.74 -9.81
CA VAL A 40 30.30 -28.49 -9.47
C VAL A 40 29.81 -29.65 -8.61
N THR A 41 29.22 -29.35 -7.45
CA THR A 41 28.73 -30.38 -6.51
C THR A 41 27.33 -30.04 -6.01
N GLU A 42 26.48 -31.05 -5.88
CA GLU A 42 25.12 -30.82 -5.40
C GLU A 42 25.23 -30.51 -3.91
N ARG A 43 25.12 -29.23 -3.57
CA ARG A 43 25.28 -28.80 -2.19
C ARG A 43 24.02 -28.34 -1.46
N VAL A 44 23.79 -28.87 -0.27
CA VAL A 44 22.66 -28.49 0.56
C VAL A 44 22.80 -27.04 1.01
N VAL A 45 21.66 -26.36 1.11
CA VAL A 45 21.61 -24.96 1.53
C VAL A 45 20.95 -24.81 2.91
N HIS A 46 21.61 -24.11 3.81
CA HIS A 46 21.07 -23.87 5.13
C HIS A 46 19.76 -23.05 5.03
N SER A 47 19.84 -21.91 4.34
CA SER A 47 18.69 -21.01 4.19
C SER A 47 18.46 -20.43 2.79
N PHE A 48 17.20 -20.15 2.46
CA PHE A 48 16.85 -19.52 1.20
C PHE A 48 16.08 -18.28 1.62
N ARG A 49 16.50 -17.13 1.11
CA ARG A 49 15.82 -15.87 1.43
C ARG A 49 15.68 -15.01 0.15
N LEU A 50 15.18 -13.78 0.31
CA LEU A 50 15.05 -12.85 -0.82
C LEU A 50 14.32 -13.37 -2.05
N PRO A 51 13.06 -13.85 -1.87
CA PRO A 51 12.20 -14.40 -2.92
C PRO A 51 11.78 -13.40 -3.99
N ALA A 52 11.95 -13.78 -5.26
CA ALA A 52 11.55 -12.95 -6.40
C ALA A 52 10.91 -13.96 -7.35
N LEU A 53 9.61 -13.80 -7.59
CA LEU A 53 8.86 -14.72 -8.46
C LEU A 53 8.29 -13.95 -9.64
N VAL A 54 8.68 -14.38 -10.84
CA VAL A 54 8.27 -13.71 -12.06
C VAL A 54 7.79 -14.68 -13.14
N ASN A 55 7.23 -14.10 -14.19
CA ASN A 55 6.71 -14.84 -15.33
C ASN A 55 7.50 -14.37 -16.56
N VAL A 56 8.33 -15.25 -17.12
CA VAL A 56 9.10 -14.90 -18.31
C VAL A 56 8.56 -15.64 -19.54
N ASP A 57 7.85 -14.92 -20.39
CA ASP A 57 7.29 -15.52 -21.60
C ASP A 57 6.52 -16.84 -21.34
N GLY A 58 5.93 -17.02 -20.17
CA GLY A 58 5.22 -18.27 -19.92
C GLY A 58 5.97 -19.17 -18.95
N VAL A 59 7.25 -18.90 -18.77
CA VAL A 59 8.07 -19.66 -17.83
C VAL A 59 7.97 -18.97 -16.46
N MET A 60 7.65 -19.75 -15.44
CA MET A 60 7.54 -19.24 -14.09
C MET A 60 8.99 -19.30 -13.53
N VAL A 61 9.54 -18.17 -13.10
CA VAL A 61 10.91 -18.18 -12.56
C VAL A 61 10.98 -17.68 -11.11
N ALA A 62 11.65 -18.44 -10.25
CA ALA A 62 11.80 -18.09 -8.85
C ALA A 62 13.28 -17.84 -8.52
N ILE A 63 13.61 -16.59 -8.20
CA ILE A 63 14.96 -16.24 -7.84
C ILE A 63 15.05 -15.97 -6.33
N ALA A 64 16.18 -16.33 -5.73
CA ALA A 64 16.38 -16.19 -4.28
C ALA A 64 17.85 -16.33 -3.85
N ASP A 65 18.10 -16.04 -2.58
CA ASP A 65 19.44 -16.19 -2.00
C ASP A 65 19.65 -17.68 -1.62
N ALA A 66 20.84 -18.18 -1.94
CA ALA A 66 21.25 -19.51 -1.53
C ALA A 66 22.31 -19.18 -0.44
N ARG A 67 21.91 -19.26 0.82
CA ARG A 67 22.81 -18.98 1.95
C ARG A 67 23.29 -20.35 2.41
N TYR A 68 24.39 -20.77 1.83
CA TYR A 68 24.91 -22.09 2.11
C TYR A 68 25.09 -22.52 3.54
N GLU A 69 25.81 -21.73 4.33
CA GLU A 69 26.13 -22.13 5.70
C GLU A 69 25.32 -21.63 6.87
N THR A 70 24.84 -20.40 6.72
CA THR A 70 24.07 -19.73 7.76
C THR A 70 23.08 -18.77 7.09
N SER A 71 22.12 -18.25 7.86
CA SER A 71 21.15 -17.28 7.37
C SER A 71 21.72 -15.86 7.59
N PHE A 72 22.86 -15.76 8.28
CA PHE A 72 23.52 -14.48 8.56
C PHE A 72 23.72 -13.77 7.23
N ASP A 73 23.32 -12.51 7.14
CA ASP A 73 23.45 -11.79 5.87
C ASP A 73 24.85 -11.85 5.28
N ASN A 74 25.84 -11.65 6.13
CA ASN A 74 27.22 -11.59 5.69
C ASN A 74 27.97 -12.93 5.72
N SER A 75 27.53 -13.82 4.84
CA SER A 75 28.08 -15.17 4.71
C SER A 75 28.14 -15.60 3.25
N LEU A 76 28.45 -16.87 3.00
CA LEU A 76 28.57 -17.39 1.62
C LEU A 76 27.20 -17.48 0.97
N ILE A 77 27.01 -16.74 -0.11
CA ILE A 77 25.71 -16.73 -0.81
C ILE A 77 25.86 -16.63 -2.33
N ASP A 78 25.07 -17.43 -3.02
CA ASP A 78 25.01 -17.42 -4.48
C ASP A 78 23.50 -17.15 -4.73
N THR A 79 23.16 -16.73 -5.94
CA THR A 79 21.75 -16.49 -6.29
C THR A 79 21.21 -17.75 -6.97
N VAL A 80 20.25 -18.42 -6.32
CA VAL A 80 19.66 -19.62 -6.90
C VAL A 80 18.45 -19.26 -7.79
N ALA A 81 18.03 -20.22 -8.61
CA ALA A 81 16.89 -20.02 -9.49
C ALA A 81 16.24 -21.39 -9.78
N LYS A 82 14.91 -21.45 -9.68
CA LYS A 82 14.16 -22.65 -9.99
C LYS A 82 13.11 -22.18 -10.98
N TYR A 83 12.83 -22.98 -12.00
CA TYR A 83 11.83 -22.55 -12.94
C TYR A 83 10.86 -23.69 -13.23
N SER A 84 9.67 -23.32 -13.68
CA SER A 84 8.64 -24.31 -13.99
C SER A 84 7.98 -24.06 -15.34
N VAL A 85 7.38 -25.12 -15.88
CA VAL A 85 6.67 -24.99 -17.15
C VAL A 85 5.25 -25.44 -16.91
N ASP A 86 5.02 -26.07 -15.75
CA ASP A 86 3.70 -26.56 -15.36
C ASP A 86 3.12 -25.77 -14.18
N ASP A 87 3.55 -24.51 -14.07
CA ASP A 87 3.08 -23.63 -13.02
C ASP A 87 3.30 -24.15 -11.59
N GLY A 88 4.54 -24.51 -11.30
CA GLY A 88 4.88 -24.97 -9.96
C GLY A 88 4.64 -26.40 -9.60
N GLU A 89 4.38 -27.24 -10.61
CA GLU A 89 4.14 -28.65 -10.38
C GLU A 89 5.48 -29.37 -10.37
N THR A 90 6.43 -28.84 -11.13
CA THR A 90 7.77 -29.40 -11.19
C THR A 90 8.74 -28.23 -11.46
N TRP A 91 9.92 -28.28 -10.86
CA TRP A 91 10.91 -27.22 -11.02
C TRP A 91 12.32 -27.70 -11.27
N GLU A 92 13.02 -26.96 -12.12
CA GLU A 92 14.41 -27.20 -12.43
C GLU A 92 15.17 -26.20 -11.55
N THR A 93 16.32 -26.60 -11.00
CA THR A 93 17.11 -25.72 -10.14
C THR A 93 18.48 -25.44 -10.76
N GLN A 94 19.02 -24.26 -10.47
CA GLN A 94 20.33 -23.85 -10.96
C GLN A 94 20.87 -22.70 -10.12
N ILE A 95 22.06 -22.23 -10.46
CA ILE A 95 22.65 -21.07 -9.81
C ILE A 95 22.70 -20.01 -10.91
N ALA A 96 22.02 -18.89 -10.71
CA ALA A 96 21.98 -17.84 -11.72
C ALA A 96 23.22 -16.96 -11.71
N ILE A 97 23.76 -16.75 -10.51
CA ILE A 97 24.95 -15.94 -10.32
C ILE A 97 25.75 -16.53 -9.14
N LYS A 98 27.04 -16.79 -9.34
CA LYS A 98 27.85 -17.30 -8.25
C LYS A 98 28.69 -16.11 -7.76
N ASN A 99 29.01 -16.09 -6.47
CA ASN A 99 29.84 -15.01 -5.90
C ASN A 99 31.34 -15.21 -6.25
N SER A 100 32.15 -14.19 -5.98
CA SER A 100 33.59 -14.17 -6.29
C SER A 100 34.47 -15.26 -5.67
N ARG A 101 33.95 -16.00 -4.69
CA ARG A 101 34.74 -17.04 -4.03
C ARG A 101 36.06 -16.52 -3.41
N ALA A 102 36.19 -15.19 -3.23
CA ALA A 102 37.39 -14.59 -2.64
C ALA A 102 37.61 -14.97 -1.17
N SER A 103 36.53 -15.27 -0.44
CA SER A 103 36.68 -15.65 0.97
C SER A 103 35.55 -16.59 1.40
N SER A 104 35.56 -17.01 2.66
CA SER A 104 34.51 -17.88 3.16
C SER A 104 33.18 -17.13 3.32
N VAL A 105 33.19 -15.82 3.09
CA VAL A 105 31.94 -15.08 3.20
C VAL A 105 31.56 -14.29 1.96
N SER A 106 32.21 -14.58 0.84
CA SER A 106 31.93 -13.90 -0.42
C SER A 106 30.43 -14.11 -0.74
N ARG A 107 29.83 -13.17 -1.44
CA ARG A 107 28.41 -13.30 -1.68
C ARG A 107 27.89 -12.31 -2.68
N VAL A 108 26.81 -12.72 -3.35
CA VAL A 108 26.08 -11.85 -4.28
C VAL A 108 24.78 -11.76 -3.47
N VAL A 109 24.32 -10.52 -3.27
CA VAL A 109 23.17 -10.23 -2.42
C VAL A 109 21.96 -9.46 -2.96
N ASP A 110 20.85 -9.67 -2.25
CA ASP A 110 19.57 -9.02 -2.51
C ASP A 110 19.25 -8.88 -3.99
N PRO A 111 19.18 -10.04 -4.70
CA PRO A 111 18.87 -10.01 -6.12
C PRO A 111 17.59 -9.24 -6.40
N THR A 112 17.61 -8.40 -7.42
CA THR A 112 16.43 -7.62 -7.81
C THR A 112 16.24 -7.93 -9.28
N VAL A 113 15.05 -8.40 -9.61
CA VAL A 113 14.73 -8.85 -10.95
C VAL A 113 13.82 -7.99 -11.80
N ILE A 114 14.14 -7.93 -13.09
CA ILE A 114 13.31 -7.25 -14.10
C ILE A 114 13.14 -8.23 -15.30
N VAL A 115 11.90 -8.51 -15.69
CA VAL A 115 11.63 -9.36 -16.86
C VAL A 115 11.33 -8.46 -18.08
N LYS A 116 12.02 -8.70 -19.20
CA LYS A 116 11.75 -7.96 -20.42
C LYS A 116 12.10 -8.90 -21.54
N GLY A 117 11.06 -9.37 -22.23
CA GLY A 117 11.23 -10.32 -23.31
C GLY A 117 11.37 -11.69 -22.68
N ASN A 118 12.37 -12.43 -23.14
CA ASN A 118 12.64 -13.73 -22.56
C ASN A 118 13.91 -13.51 -21.72
N LYS A 119 14.09 -12.27 -21.26
CA LYS A 119 15.27 -11.93 -20.47
C LYS A 119 15.04 -11.61 -18.99
N LEU A 120 15.92 -12.15 -18.15
CA LEU A 120 15.91 -11.88 -16.73
C LEU A 120 17.12 -10.94 -16.44
N TYR A 121 16.82 -9.73 -15.98
CA TYR A 121 17.86 -8.79 -15.63
C TYR A 121 17.97 -8.89 -14.12
N VAL A 122 19.09 -9.40 -13.63
CA VAL A 122 19.25 -9.56 -12.19
C VAL A 122 20.37 -8.68 -11.64
N LEU A 123 20.00 -7.79 -10.74
CA LEU A 123 20.96 -6.90 -10.12
C LEU A 123 21.26 -7.37 -8.68
N VAL A 124 22.54 -7.51 -8.36
CA VAL A 124 22.96 -7.93 -7.03
C VAL A 124 24.20 -7.14 -6.57
N GLY A 125 24.28 -6.90 -5.26
CA GLY A 125 25.46 -6.25 -4.74
C GLY A 125 26.45 -7.42 -4.63
N SER A 126 27.75 -7.12 -4.59
CA SER A 126 28.75 -8.18 -4.47
C SER A 126 29.76 -7.82 -3.39
N TYR A 127 30.02 -8.71 -2.43
CA TYR A 127 31.02 -8.46 -1.38
C TYR A 127 32.00 -9.59 -1.37
N ASN A 128 33.22 -9.30 -0.91
CA ASN A 128 34.25 -10.33 -0.87
C ASN A 128 34.56 -10.95 0.49
N SER A 129 34.82 -10.12 1.49
CA SER A 129 35.17 -10.67 2.79
C SER A 129 34.61 -9.98 4.04
N SER A 130 33.81 -8.93 3.86
CA SER A 130 33.28 -8.24 5.03
C SER A 130 32.24 -9.04 5.78
N ARG A 131 32.35 -8.99 7.10
CA ARG A 131 31.40 -9.68 7.94
C ARG A 131 30.44 -8.63 8.56
N SER A 132 30.58 -7.37 8.11
CA SER A 132 29.72 -6.27 8.57
C SER A 132 28.58 -5.99 7.60
N TYR A 133 27.43 -5.57 8.15
CA TYR A 133 26.24 -5.22 7.36
C TYR A 133 26.62 -4.05 6.41
N TRP A 134 26.19 -4.11 5.16
CA TRP A 134 26.57 -3.08 4.18
C TRP A 134 26.38 -1.62 4.62
N THR A 135 25.34 -1.35 5.39
CA THR A 135 25.06 0.02 5.83
C THR A 135 25.97 0.58 6.90
N SER A 136 26.81 -0.30 7.44
CA SER A 136 27.76 0.09 8.46
C SER A 136 29.13 0.33 7.81
N HIS A 137 29.27 0.03 6.51
CA HIS A 137 30.56 0.25 5.83
C HIS A 137 30.84 1.74 5.61
N GLY A 138 32.08 2.16 5.90
CA GLY A 138 32.46 3.55 5.75
C GLY A 138 32.94 3.88 4.35
N ASP A 139 33.21 2.84 3.58
CA ASP A 139 33.66 3.03 2.20
C ASP A 139 33.24 1.80 1.38
N ALA A 140 33.56 1.81 0.09
CA ALA A 140 33.17 0.74 -0.82
C ALA A 140 34.28 -0.26 -1.12
N ARG A 141 35.31 -0.32 -0.28
CA ARG A 141 36.45 -1.23 -0.50
C ARG A 141 36.07 -2.68 -0.74
N ASP A 142 34.97 -3.12 -0.13
CA ASP A 142 34.55 -4.52 -0.27
C ASP A 142 33.37 -4.71 -1.24
N TRP A 143 32.86 -3.61 -1.79
CA TRP A 143 31.67 -3.63 -2.65
C TRP A 143 31.77 -3.54 -4.19
N ASP A 144 30.76 -4.09 -4.84
CA ASP A 144 30.61 -3.98 -6.27
C ASP A 144 29.11 -4.18 -6.49
N ILE A 145 28.64 -3.74 -7.66
CA ILE A 145 27.24 -3.82 -8.06
C ILE A 145 27.22 -4.47 -9.46
N LEU A 146 26.69 -5.68 -9.55
CA LEU A 146 26.69 -6.42 -10.82
C LEU A 146 25.32 -6.77 -11.38
N LEU A 147 25.26 -6.86 -12.71
CA LEU A 147 24.05 -7.20 -13.44
C LEU A 147 24.33 -8.44 -14.27
N ALA A 148 23.51 -9.46 -14.10
CA ALA A 148 23.62 -10.70 -14.85
C ALA A 148 22.31 -10.85 -15.61
N VAL A 149 22.39 -11.35 -16.84
CA VAL A 149 21.19 -11.55 -17.65
C VAL A 149 20.96 -13.04 -17.96
N GLY A 150 19.75 -13.53 -17.69
CA GLY A 150 19.47 -14.92 -17.98
C GLY A 150 18.52 -14.94 -19.15
N GLU A 151 18.83 -15.71 -20.21
CA GLU A 151 17.90 -15.73 -21.34
C GLU A 151 17.13 -17.01 -21.37
N VAL A 152 15.81 -16.90 -21.39
CA VAL A 152 14.91 -18.05 -21.40
C VAL A 152 14.62 -18.65 -22.78
N THR A 153 14.61 -19.97 -22.84
CA THR A 153 14.34 -20.69 -24.08
C THR A 153 13.38 -21.86 -23.81
N LYS A 154 12.27 -21.87 -24.54
CA LYS A 154 11.26 -22.93 -24.40
C LYS A 154 11.37 -23.88 -25.59
N SER A 155 11.00 -25.13 -25.37
CA SER A 155 11.07 -26.16 -26.42
C SER A 155 10.21 -27.38 -26.04
N THR A 156 10.57 -28.54 -26.59
CA THR A 156 9.85 -29.80 -26.32
C THR A 156 10.85 -30.95 -26.07
N ALA A 157 10.64 -31.68 -24.99
CA ALA A 157 11.50 -32.81 -24.63
C ALA A 157 10.92 -34.12 -25.15
N GLY A 158 10.12 -34.78 -24.32
CA GLY A 158 9.52 -36.04 -24.72
C GLY A 158 8.10 -35.84 -25.21
N GLY A 159 7.92 -34.85 -26.10
CA GLY A 159 6.61 -34.52 -26.64
C GLY A 159 6.02 -33.34 -25.86
N LYS A 160 6.36 -33.28 -24.57
CA LYS A 160 5.89 -32.21 -23.69
C LYS A 160 6.81 -31.00 -23.77
N ILE A 161 6.30 -29.83 -23.41
CA ILE A 161 7.10 -28.59 -23.45
C ILE A 161 8.15 -28.46 -22.32
N THR A 162 9.29 -27.86 -22.67
CA THR A 162 10.36 -27.65 -21.71
C THR A 162 11.04 -26.29 -21.92
N ALA A 163 11.93 -25.94 -21.00
CA ALA A 163 12.64 -24.67 -21.05
C ALA A 163 14.04 -24.75 -20.45
N SER A 164 14.83 -23.72 -20.73
CA SER A 164 16.19 -23.64 -20.24
C SER A 164 16.68 -22.18 -20.20
N ILE A 165 17.18 -21.80 -19.04
CA ILE A 165 17.72 -20.46 -18.84
C ILE A 165 19.24 -20.49 -18.87
N LYS A 166 19.83 -19.72 -19.77
CA LYS A 166 21.28 -19.64 -19.92
C LYS A 166 21.67 -18.35 -19.20
N TRP A 167 22.55 -18.42 -18.20
CA TRP A 167 22.95 -17.24 -17.45
C TRP A 167 24.26 -16.61 -17.88
N GLY A 168 24.23 -15.32 -18.22
CA GLY A 168 25.45 -14.62 -18.62
C GLY A 168 26.37 -14.26 -17.46
N SER A 169 27.63 -13.93 -17.75
CA SER A 169 28.57 -13.59 -16.68
C SER A 169 28.18 -12.22 -16.16
N PRO A 170 28.16 -12.04 -14.82
CA PRO A 170 27.77 -10.71 -14.37
C PRO A 170 28.72 -9.60 -14.80
N VAL A 171 28.16 -8.41 -14.97
CA VAL A 171 28.92 -7.27 -15.40
C VAL A 171 28.80 -6.18 -14.37
N SER A 172 29.94 -5.59 -14.02
CA SER A 172 29.95 -4.50 -13.05
C SER A 172 29.31 -3.24 -13.65
N LEU A 173 28.42 -2.62 -12.87
CA LEU A 173 27.77 -1.39 -13.29
C LEU A 173 28.30 -0.24 -12.39
N LYS A 174 29.45 -0.47 -11.74
CA LYS A 174 30.05 0.51 -10.83
C LYS A 174 30.49 1.77 -11.57
N GLU A 175 30.80 1.63 -12.86
CA GLU A 175 31.19 2.79 -13.65
C GLU A 175 30.07 3.83 -13.75
N PHE A 176 28.83 3.41 -13.54
CA PHE A 176 27.68 4.30 -13.61
C PHE A 176 27.27 4.99 -12.31
N PHE A 177 28.05 4.76 -11.25
CA PHE A 177 27.80 5.31 -9.90
C PHE A 177 28.64 6.59 -9.71
N PRO A 178 27.98 7.76 -9.63
CA PRO A 178 28.72 9.02 -9.46
C PRO A 178 29.30 9.15 -8.07
N ALA A 179 30.49 9.74 -7.98
CA ALA A 179 31.17 9.92 -6.72
C ALA A 179 30.44 10.95 -5.84
N GLU A 180 29.61 11.78 -6.46
CA GLU A 180 28.83 12.78 -5.72
C GLU A 180 27.40 12.92 -6.19
N MET A 181 26.51 13.16 -5.22
CA MET A 181 25.09 13.38 -5.47
C MET A 181 24.76 14.67 -4.73
N GLU A 182 23.68 15.34 -5.10
CA GLU A 182 23.32 16.60 -4.48
C GLU A 182 23.58 16.68 -2.97
N GLY A 183 24.65 17.39 -2.60
CA GLY A 183 25.00 17.56 -1.21
C GLY A 183 25.58 16.37 -0.45
N MET A 184 26.21 15.44 -1.16
CA MET A 184 26.78 14.26 -0.49
C MET A 184 27.83 13.48 -1.27
N HIS A 185 28.52 12.60 -0.55
CA HIS A 185 29.52 11.73 -1.19
C HIS A 185 28.99 10.30 -1.12
N THR A 186 28.84 9.68 -2.30
CA THR A 186 28.32 8.31 -2.41
C THR A 186 29.24 7.26 -1.81
N ASN A 187 28.64 6.15 -1.40
CA ASN A 187 29.36 5.07 -0.75
C ASN A 187 29.06 3.78 -1.55
N GLN A 188 27.86 3.23 -1.39
CA GLN A 188 27.45 2.01 -2.09
C GLN A 188 25.97 2.10 -2.42
N PHE A 189 25.49 1.13 -3.20
CA PHE A 189 24.08 1.04 -3.53
C PHE A 189 23.78 -0.39 -3.90
N LEU A 190 22.52 -0.75 -3.75
CA LEU A 190 22.04 -2.09 -4.02
C LEU A 190 20.67 -1.97 -4.62
N GLY A 191 20.16 -3.06 -5.20
CA GLY A 191 18.81 -3.03 -5.72
C GLY A 191 17.88 -3.09 -4.52
N GLY A 192 16.59 -2.75 -4.72
CA GLY A 192 15.66 -2.76 -3.62
C GLY A 192 15.15 -4.13 -3.20
N ALA A 193 15.62 -5.18 -3.87
CA ALA A 193 15.22 -6.59 -3.64
C ALA A 193 13.87 -6.86 -4.35
N GLY A 194 13.52 -8.13 -4.48
CA GLY A 194 12.25 -8.47 -5.13
C GLY A 194 12.21 -8.23 -6.64
N VAL A 195 11.08 -7.73 -7.14
CA VAL A 195 10.91 -7.52 -8.58
C VAL A 195 10.71 -6.05 -8.97
N ALA A 196 11.53 -5.59 -9.92
CA ALA A 196 11.47 -4.23 -10.43
C ALA A 196 10.69 -4.19 -11.79
N ILE A 197 10.81 -3.11 -12.57
CA ILE A 197 10.00 -3.02 -13.80
C ILE A 197 10.60 -2.45 -15.10
N VAL A 198 9.83 -2.63 -16.16
CA VAL A 198 10.15 -2.08 -17.47
C VAL A 198 9.10 -0.97 -17.56
N ALA A 199 9.54 0.28 -17.73
CA ALA A 199 8.64 1.42 -17.83
C ALA A 199 7.87 1.30 -19.14
N SER A 200 6.83 2.11 -19.32
CA SER A 200 5.99 2.06 -20.53
C SER A 200 6.72 2.62 -21.75
N ASN A 201 7.87 3.22 -21.50
CA ASN A 201 8.71 3.79 -22.54
C ASN A 201 9.84 2.81 -22.85
N GLY A 202 9.78 1.64 -22.24
CA GLY A 202 10.79 0.62 -22.43
C GLY A 202 11.94 0.56 -21.42
N ASN A 203 12.20 1.66 -20.73
CA ASN A 203 13.29 1.77 -19.76
C ASN A 203 13.31 0.68 -18.71
N LEU A 204 14.50 0.16 -18.41
CA LEU A 204 14.62 -0.80 -17.32
C LEU A 204 14.71 0.14 -16.11
N VAL A 205 13.92 -0.15 -15.07
CA VAL A 205 13.85 0.71 -13.90
C VAL A 205 14.07 -0.06 -12.61
N TYR A 206 15.13 0.29 -11.90
CA TYR A 206 15.45 -0.34 -10.62
C TYR A 206 15.40 0.70 -9.52
N PRO A 207 14.52 0.50 -8.50
CA PRO A 207 14.49 1.48 -7.40
C PRO A 207 15.64 0.92 -6.57
N VAL A 208 16.62 1.76 -6.23
CA VAL A 208 17.80 1.30 -5.51
C VAL A 208 17.97 2.02 -4.19
N GLN A 209 18.61 1.34 -3.22
CA GLN A 209 18.89 1.93 -1.91
C GLN A 209 20.37 2.22 -1.98
N VAL A 210 20.72 3.45 -1.62
CA VAL A 210 22.07 3.98 -1.69
C VAL A 210 22.51 4.51 -0.34
N THR A 211 23.81 4.46 -0.06
CA THR A 211 24.33 5.03 1.18
C THR A 211 25.34 6.13 0.79
N ASN A 212 25.60 7.03 1.74
CA ASN A 212 26.59 8.06 1.53
C ASN A 212 27.65 7.81 2.61
N LYS A 213 28.67 8.65 2.61
CA LYS A 213 29.78 8.56 3.54
C LYS A 213 29.35 8.86 4.99
N LYS A 214 28.18 9.45 5.18
CA LYS A 214 27.71 9.70 6.55
C LYS A 214 26.91 8.49 6.98
N LYS A 215 26.94 7.46 6.15
CA LYS A 215 26.24 6.21 6.42
C LYS A 215 24.73 6.34 6.42
N GLN A 216 24.23 7.36 5.74
CA GLN A 216 22.78 7.55 5.63
C GLN A 216 22.25 6.73 4.45
N VAL A 217 21.01 6.28 4.55
CA VAL A 217 20.40 5.50 3.49
C VAL A 217 19.26 6.29 2.87
N PHE A 218 19.07 6.15 1.56
CA PHE A 218 18.03 6.86 0.82
C PHE A 218 17.82 6.14 -0.50
N SER A 219 16.62 6.28 -1.04
CA SER A 219 16.25 5.61 -2.29
C SER A 219 16.36 6.52 -3.54
N LYS A 220 16.69 5.89 -4.67
CA LYS A 220 16.86 6.60 -5.93
C LYS A 220 16.32 5.74 -7.05
N ILE A 221 16.19 6.33 -8.24
CA ILE A 221 15.77 5.58 -9.42
C ILE A 221 17.04 5.38 -10.28
N PHE A 222 17.34 4.12 -10.57
CA PHE A 222 18.51 3.73 -11.37
C PHE A 222 17.90 3.11 -12.64
N TYR A 223 18.04 3.76 -13.79
CA TYR A 223 17.42 3.24 -15.00
C TYR A 223 18.30 3.16 -16.28
N SER A 224 17.82 2.40 -17.28
CA SER A 224 18.53 2.23 -18.55
C SER A 224 17.59 2.37 -19.74
N GLU A 225 18.01 3.17 -20.72
CA GLU A 225 17.22 3.41 -21.92
C GLU A 225 17.69 2.50 -23.08
N ASP A 226 18.82 1.81 -22.86
CA ASP A 226 19.37 0.96 -23.89
C ASP A 226 19.51 -0.52 -23.51
N GLU A 227 18.43 -1.12 -23.04
CA GLU A 227 18.41 -2.55 -22.69
C GLU A 227 19.44 -3.01 -21.65
N GLY A 228 20.00 -2.09 -20.88
CA GLY A 228 20.95 -2.50 -19.87
C GLY A 228 22.42 -2.24 -20.09
N LYS A 229 22.82 -1.55 -21.16
CA LYS A 229 24.23 -1.28 -21.37
C LYS A 229 24.69 -0.08 -20.57
N THR A 230 23.88 0.97 -20.51
CA THR A 230 24.27 2.10 -19.68
C THR A 230 23.15 2.41 -18.69
N TRP A 231 23.53 3.09 -17.61
CA TRP A 231 22.59 3.41 -16.55
C TRP A 231 22.73 4.82 -16.02
N LYS A 232 21.60 5.37 -15.57
CA LYS A 232 21.56 6.72 -15.00
C LYS A 232 20.74 6.71 -13.73
N PHE A 233 20.97 7.71 -12.89
CA PHE A 233 20.24 7.92 -11.65
C PHE A 233 19.35 9.13 -11.89
N GLY A 234 18.11 9.07 -11.39
CA GLY A 234 17.21 10.21 -11.52
C GLY A 234 17.88 11.19 -10.59
N LYS A 235 17.77 12.48 -10.86
CA LYS A 235 18.43 13.45 -10.02
C LYS A 235 17.90 13.48 -8.58
N GLY A 236 16.62 13.17 -8.38
CA GLY A 236 16.02 13.22 -7.05
C GLY A 236 16.19 12.02 -6.12
N ARG A 237 15.64 12.14 -4.92
CA ARG A 237 15.73 11.03 -3.96
C ARG A 237 14.64 11.07 -2.89
N SER A 238 14.54 10.00 -2.13
CA SER A 238 13.61 9.94 -1.03
C SER A 238 14.31 10.65 0.16
N ALA A 239 13.64 10.72 1.30
CA ALA A 239 14.26 11.28 2.46
C ALA A 239 15.22 10.18 2.90
N PHE A 240 16.11 10.51 3.84
CA PHE A 240 17.03 9.54 4.40
C PHE A 240 16.22 8.60 5.32
N GLY A 241 16.64 7.35 5.41
CA GLY A 241 15.90 6.40 6.24
C GLY A 241 15.02 5.47 5.41
N CYS A 242 14.92 5.75 4.11
CA CYS A 242 14.11 4.96 3.17
C CYS A 242 14.98 3.90 2.48
N SER A 243 14.76 2.63 2.82
CA SER A 243 15.51 1.52 2.25
C SER A 243 14.63 0.56 1.45
N GLU A 244 15.24 -0.49 0.88
CA GLU A 244 14.55 -1.51 0.09
C GLU A 244 13.32 -0.98 -0.65
N PRO A 245 13.53 0.05 -1.48
CA PRO A 245 12.37 0.58 -2.20
C PRO A 245 11.85 -0.43 -3.25
N VAL A 246 10.55 -0.42 -3.52
CA VAL A 246 9.92 -1.27 -4.51
C VAL A 246 9.02 -0.32 -5.33
N ALA A 247 9.07 -0.42 -6.66
CA ALA A 247 8.25 0.48 -7.48
C ALA A 247 7.41 -0.17 -8.55
N LEU A 248 6.43 0.60 -8.99
CA LEU A 248 5.52 0.18 -10.04
C LEU A 248 5.18 1.42 -10.86
N GLU A 249 4.56 1.22 -12.01
CA GLU A 249 4.15 2.34 -12.81
C GLU A 249 2.63 2.45 -12.73
N TRP A 250 2.16 3.68 -12.51
CA TRP A 250 0.75 3.92 -12.39
C TRP A 250 0.43 5.24 -13.09
N GLU A 251 -0.40 5.13 -14.11
CA GLU A 251 -0.86 6.28 -14.86
C GLU A 251 0.24 7.28 -15.22
N GLY A 252 1.30 6.75 -15.83
CA GLY A 252 2.41 7.59 -16.27
C GLY A 252 3.37 8.08 -15.21
N LYS A 253 3.32 7.46 -14.03
CA LYS A 253 4.21 7.84 -12.94
C LYS A 253 4.76 6.61 -12.27
N LEU A 254 5.92 6.75 -11.67
CA LEU A 254 6.50 5.65 -10.90
C LEU A 254 5.97 5.85 -9.48
N ILE A 255 5.54 4.79 -8.83
CA ILE A 255 5.08 4.91 -7.42
C ILE A 255 6.09 4.04 -6.70
N ILE A 256 6.89 4.67 -5.85
CA ILE A 256 7.97 4.01 -5.13
C ILE A 256 7.61 3.84 -3.64
N ASN A 257 7.44 2.59 -3.27
CA ASN A 257 7.05 2.16 -1.92
C ASN A 257 8.28 1.84 -1.10
N THR A 258 8.54 2.60 -0.03
CA THR A 258 9.77 2.37 0.74
C THR A 258 9.67 1.80 2.16
N ARG A 259 10.68 1.01 2.52
CA ARG A 259 10.80 0.45 3.83
C ARG A 259 11.45 1.54 4.71
N VAL A 260 10.88 1.79 5.87
CA VAL A 260 11.46 2.78 6.80
C VAL A 260 11.47 2.08 8.16
N ASP A 261 12.64 1.62 8.58
CA ASP A 261 12.75 0.92 9.86
C ASP A 261 12.30 1.77 10.99
N TYR A 262 11.41 1.22 11.82
CA TYR A 262 10.89 1.90 13.00
C TYR A 262 10.01 3.08 12.69
N ARG A 263 9.48 3.16 11.48
CA ARG A 263 8.59 4.26 11.08
C ARG A 263 7.54 3.74 10.09
N ARG A 264 6.56 4.57 9.79
CA ARG A 264 5.53 4.19 8.83
C ARG A 264 6.17 4.32 7.44
N ARG A 265 5.81 3.39 6.54
CA ARG A 265 6.31 3.35 5.18
C ARG A 265 5.95 4.58 4.35
N LEU A 266 6.98 5.21 3.78
CA LEU A 266 6.84 6.37 2.91
C LEU A 266 6.72 5.91 1.46
N VAL A 267 5.80 6.55 0.74
CA VAL A 267 5.55 6.25 -0.67
C VAL A 267 5.67 7.56 -1.44
N TYR A 268 6.39 7.50 -2.57
CA TYR A 268 6.62 8.66 -3.42
C TYR A 268 6.13 8.41 -4.83
N GLU A 269 5.91 9.48 -5.56
CA GLU A 269 5.54 9.38 -6.97
C GLU A 269 6.56 10.25 -7.77
N SER A 270 6.94 9.79 -8.95
CA SER A 270 7.87 10.50 -9.86
C SER A 270 7.37 10.34 -11.30
N SER A 271 7.20 11.47 -12.00
CA SER A 271 6.74 11.51 -13.40
C SER A 271 7.90 11.55 -14.38
N ASP A 272 9.05 11.99 -13.87
CA ASP A 272 10.25 12.15 -14.67
C ASP A 272 11.40 11.21 -14.38
N MET A 273 11.11 9.93 -14.24
CA MET A 273 12.16 8.95 -14.04
C MET A 273 13.08 9.28 -12.84
N GLY A 274 12.50 9.75 -11.73
CA GLY A 274 13.31 10.06 -10.57
C GLY A 274 13.96 11.42 -10.40
N ASN A 275 13.76 12.38 -11.32
CA ASN A 275 14.37 13.71 -11.15
C ASN A 275 13.66 14.52 -10.11
N THR A 276 12.38 14.25 -9.91
CA THR A 276 11.62 14.96 -8.88
C THR A 276 10.79 13.88 -8.16
N TRP A 277 10.78 13.90 -6.84
CA TRP A 277 10.02 12.93 -6.00
C TRP A 277 9.04 13.69 -5.12
N LEU A 278 7.78 13.29 -5.14
CA LEU A 278 6.75 13.94 -4.34
C LEU A 278 6.13 12.86 -3.44
N GLU A 279 6.02 13.11 -2.15
CA GLU A 279 5.40 12.10 -1.28
C GLU A 279 3.91 11.96 -1.62
N ALA A 280 3.44 10.72 -1.72
CA ALA A 280 2.03 10.43 -2.06
C ALA A 280 1.12 10.54 -0.83
N VAL A 281 1.09 11.74 -0.28
CA VAL A 281 0.32 12.04 0.90
C VAL A 281 -1.18 11.86 0.70
N GLY A 282 -1.67 12.04 -0.51
CA GLY A 282 -3.10 11.90 -0.76
C GLY A 282 -3.59 10.53 -1.14
N THR A 283 -2.70 9.53 -1.11
CA THR A 283 -3.06 8.18 -1.49
C THR A 283 -2.48 7.05 -0.64
N LEU A 284 -1.21 6.69 -0.87
CA LEU A 284 -0.59 5.57 -0.14
C LEU A 284 0.50 5.82 0.91
N SER A 285 1.12 6.97 0.94
CA SER A 285 2.16 7.23 1.92
C SER A 285 1.65 7.21 3.35
N ARG A 286 2.44 6.56 4.22
CA ARG A 286 2.19 6.39 5.67
C ARG A 286 0.96 5.55 6.02
N VAL A 287 0.41 4.88 5.00
CA VAL A 287 -0.73 4.01 5.16
C VAL A 287 -0.29 2.77 5.95
N TRP A 288 0.81 2.15 5.50
CA TRP A 288 1.30 0.92 6.10
C TRP A 288 2.35 1.07 7.20
N GLY A 289 2.03 0.46 8.36
CA GLY A 289 2.93 0.49 9.51
C GLY A 289 3.70 -0.81 9.56
N PRO A 290 4.99 -0.77 9.95
CA PRO A 290 5.81 -2.00 10.03
C PRO A 290 5.51 -2.95 11.22
N SER A 291 4.68 -2.48 12.16
CA SER A 291 4.32 -3.22 13.36
C SER A 291 3.11 -2.51 13.95
N PRO A 292 2.40 -3.14 14.91
CA PRO A 292 1.22 -2.49 15.51
C PRO A 292 1.43 -1.03 15.96
N LYS A 293 2.60 -0.74 16.53
CA LYS A 293 2.93 0.62 16.98
C LYS A 293 3.96 1.33 16.07
N SER A 294 4.22 0.75 14.89
CA SER A 294 5.17 1.28 13.91
C SER A 294 6.47 1.77 14.57
N ASN A 295 7.04 0.91 15.41
CA ASN A 295 8.27 1.23 16.12
C ASN A 295 9.24 0.07 16.08
N GLN A 296 9.11 -0.74 15.02
CA GLN A 296 9.91 -1.94 14.79
C GLN A 296 10.45 -1.92 13.38
N PRO A 297 11.48 -2.75 13.12
CA PRO A 297 12.07 -2.81 11.77
C PRO A 297 10.99 -3.17 10.72
N GLY A 298 11.16 -2.62 9.52
CA GLY A 298 10.24 -2.91 8.44
C GLY A 298 10.66 -4.13 7.63
N SER A 299 10.24 -4.19 6.36
CA SER A 299 10.53 -5.33 5.52
C SER A 299 10.54 -4.99 4.02
N GLN A 300 11.03 -5.94 3.23
CA GLN A 300 11.01 -5.84 1.78
C GLN A 300 9.52 -6.16 1.49
N SER A 301 8.98 -5.58 0.43
CA SER A 301 7.56 -5.77 0.12
C SER A 301 7.33 -6.04 -1.37
N SER A 302 6.34 -6.87 -1.69
CA SER A 302 5.98 -7.09 -3.10
C SER A 302 4.97 -5.96 -3.40
N PHE A 303 5.13 -5.28 -4.53
CA PHE A 303 4.28 -4.15 -4.90
C PHE A 303 4.26 -4.12 -6.44
N THR A 304 3.16 -4.62 -6.99
CA THR A 304 3.03 -4.73 -8.44
C THR A 304 1.69 -4.22 -8.92
N ALA A 305 1.66 -3.83 -10.20
CA ALA A 305 0.47 -3.32 -10.88
C ALA A 305 0.03 -4.42 -11.87
N VAL A 306 -1.17 -4.95 -11.65
CA VAL A 306 -1.75 -6.00 -12.47
C VAL A 306 -3.09 -5.53 -13.01
N THR A 307 -3.58 -6.21 -14.04
CA THR A 307 -4.88 -5.83 -14.62
C THR A 307 -5.78 -7.02 -14.44
N ILE A 308 -6.64 -6.96 -13.42
CA ILE A 308 -7.57 -8.04 -13.16
C ILE A 308 -8.93 -7.66 -13.71
N GLU A 309 -9.46 -8.57 -14.53
CA GLU A 309 -10.72 -8.39 -15.20
C GLU A 309 -10.94 -6.96 -15.70
N GLY A 310 -10.00 -6.50 -16.53
CA GLY A 310 -10.10 -5.17 -17.12
C GLY A 310 -9.68 -4.03 -16.22
N MET A 311 -9.71 -4.27 -14.91
CA MET A 311 -9.33 -3.22 -13.95
C MET A 311 -7.89 -3.24 -13.49
N ARG A 312 -7.21 -2.14 -13.77
CA ARG A 312 -5.82 -1.99 -13.36
C ARG A 312 -5.77 -1.79 -11.84
N VAL A 313 -4.95 -2.56 -11.13
CA VAL A 313 -4.83 -2.38 -9.66
C VAL A 313 -3.41 -2.69 -9.21
N MET A 314 -3.16 -2.49 -7.92
CA MET A 314 -1.84 -2.73 -7.32
C MET A 314 -1.99 -3.74 -6.20
N LEU A 315 -1.01 -4.62 -6.08
CA LEU A 315 -1.00 -5.63 -5.03
C LEU A 315 0.23 -5.35 -4.13
N PHE A 316 0.02 -5.37 -2.82
CA PHE A 316 1.08 -5.07 -1.84
C PHE A 316 1.05 -6.10 -0.69
N THR A 317 2.22 -6.47 -0.20
CA THR A 317 2.37 -7.42 0.90
C THR A 317 3.40 -6.84 1.86
N HIS A 318 3.25 -7.18 3.14
CA HIS A 318 4.17 -6.79 4.21
C HIS A 318 3.65 -7.54 5.45
N PRO A 319 4.56 -7.96 6.33
CA PRO A 319 4.15 -8.66 7.55
C PRO A 319 3.59 -7.63 8.56
N LEU A 320 2.71 -8.09 9.46
CA LEU A 320 2.17 -7.22 10.50
C LEU A 320 3.18 -7.07 11.64
N ASN A 321 3.99 -8.10 11.84
CA ASN A 321 5.04 -8.06 12.86
C ASN A 321 4.51 -7.82 14.27
N PHE A 322 3.59 -8.67 14.72
CA PHE A 322 3.02 -8.56 16.07
C PHE A 322 4.15 -8.93 17.06
N LYS A 323 4.93 -9.96 16.70
CA LYS A 323 6.03 -10.41 17.53
C LYS A 323 7.11 -9.39 17.77
N GLY A 324 7.37 -8.50 16.82
CA GLY A 324 8.38 -7.47 17.08
C GLY A 324 9.75 -7.79 16.55
N ARG A 325 10.64 -6.80 16.60
CA ARG A 325 12.02 -6.87 16.09
C ARG A 325 11.96 -7.37 14.62
N TRP A 326 12.69 -8.42 14.27
CA TRP A 326 12.67 -8.88 12.88
C TRP A 326 11.85 -10.11 12.62
N LEU A 327 11.24 -10.67 13.65
CA LEU A 327 10.45 -11.90 13.49
C LEU A 327 9.44 -11.75 12.36
N ARG A 328 8.75 -10.63 12.36
CA ARG A 328 7.81 -10.30 11.31
C ARG A 328 6.88 -11.41 10.86
N ASP A 329 5.98 -11.72 11.77
CA ASP A 329 4.98 -12.72 11.52
C ASP A 329 3.85 -12.08 10.70
N ARG A 330 2.93 -12.94 10.30
CA ARG A 330 1.72 -12.56 9.58
C ARG A 330 1.83 -11.76 8.30
N LEU A 331 2.27 -12.41 7.23
CA LEU A 331 2.40 -11.76 5.91
C LEU A 331 1.01 -11.48 5.37
N ASN A 332 0.68 -10.20 5.18
CA ASN A 332 -0.64 -9.75 4.68
C ASN A 332 -0.60 -9.24 3.25
N LEU A 333 -1.72 -9.43 2.55
CA LEU A 333 -1.91 -9.04 1.16
C LEU A 333 -2.90 -7.89 1.06
N TRP A 334 -2.52 -6.87 0.29
CA TRP A 334 -3.34 -5.69 0.11
C TRP A 334 -3.70 -5.45 -1.35
N LEU A 335 -4.86 -4.86 -1.58
CA LEU A 335 -5.34 -4.52 -2.91
C LEU A 335 -5.77 -3.06 -2.91
N THR A 336 -5.35 -2.31 -3.92
CA THR A 336 -5.74 -0.90 -3.99
C THR A 336 -5.88 -0.41 -5.43
N ASP A 337 -6.82 0.51 -5.67
CA ASP A 337 -6.98 1.08 -7.02
C ASP A 337 -6.46 2.50 -6.93
N ASN A 338 -5.60 2.74 -5.94
CA ASN A 338 -4.99 4.05 -5.63
C ASN A 338 -6.02 5.01 -4.96
N GLN A 339 -7.19 4.47 -4.61
CA GLN A 339 -8.25 5.25 -3.94
C GLN A 339 -8.67 4.44 -2.69
N ARG A 340 -9.30 3.28 -2.91
CA ARG A 340 -9.70 2.39 -1.81
C ARG A 340 -8.56 1.43 -1.57
N ILE A 341 -8.38 1.06 -0.31
CA ILE A 341 -7.33 0.13 0.08
C ILE A 341 -7.99 -1.02 0.87
N TYR A 342 -7.93 -2.22 0.26
CA TYR A 342 -8.53 -3.43 0.82
C TYR A 342 -7.54 -4.47 1.35
N ASN A 343 -7.77 -4.94 2.56
CA ASN A 343 -6.94 -5.99 3.16
C ASN A 343 -7.47 -7.35 2.69
N VAL A 344 -6.79 -7.96 1.72
CA VAL A 344 -7.25 -9.25 1.21
C VAL A 344 -7.17 -10.31 2.33
N GLY A 345 -6.17 -10.22 3.19
CA GLY A 345 -6.02 -11.18 4.28
C GLY A 345 -4.58 -11.58 4.55
N GLN A 346 -4.40 -12.59 5.40
CA GLN A 346 -3.09 -13.07 5.74
C GLN A 346 -2.70 -14.29 4.89
N VAL A 347 -1.57 -14.17 4.17
CA VAL A 347 -1.02 -15.20 3.28
C VAL A 347 -0.17 -16.25 4.00
N SER A 348 0.49 -15.86 5.10
CA SER A 348 1.29 -16.82 5.86
C SER A 348 0.34 -17.57 6.78
N ILE A 349 0.82 -18.69 7.30
CA ILE A 349 -0.01 -19.54 8.17
C ILE A 349 0.21 -19.30 9.67
N GLY A 350 -0.91 -19.07 10.35
CA GLY A 350 -0.89 -18.81 11.77
C GLY A 350 0.04 -17.66 12.13
N ASP A 351 0.87 -17.89 13.13
CA ASP A 351 1.83 -16.90 13.59
C ASP A 351 3.27 -17.25 13.22
N GLU A 352 3.46 -17.91 12.07
CA GLU A 352 4.81 -18.24 11.64
C GLU A 352 5.50 -16.96 11.27
N ASN A 353 6.83 -16.99 11.30
CA ASN A 353 7.61 -15.83 10.91
C ASN A 353 7.69 -15.85 9.38
N SER A 354 7.23 -14.75 8.75
CA SER A 354 7.21 -14.63 7.29
C SER A 354 7.40 -13.15 6.81
N ALA A 355 8.68 -12.78 6.65
CA ALA A 355 9.10 -11.43 6.26
C ALA A 355 9.02 -11.04 4.76
N TYR A 356 10.06 -11.37 4.00
CA TYR A 356 10.17 -11.05 2.59
C TYR A 356 9.22 -11.95 1.78
N SER A 357 8.66 -11.42 0.70
CA SER A 357 7.70 -12.15 -0.13
C SER A 357 7.67 -11.65 -1.58
N SER A 358 7.07 -12.46 -2.44
CA SER A 358 6.93 -12.12 -3.86
C SER A 358 5.60 -12.66 -4.44
N VAL A 359 4.74 -11.74 -4.89
CA VAL A 359 3.46 -12.13 -5.46
C VAL A 359 3.44 -12.01 -6.98
N LEU A 360 3.02 -13.10 -7.65
CA LEU A 360 2.90 -13.16 -9.12
C LEU A 360 1.45 -13.40 -9.58
N TYR A 361 1.04 -12.72 -10.65
CA TYR A 361 -0.30 -12.92 -11.23
C TYR A 361 0.01 -13.41 -12.63
N LYS A 362 -0.31 -14.66 -12.93
CA LYS A 362 -0.01 -15.23 -14.25
C LYS A 362 -1.15 -16.11 -14.78
N ASP A 363 -1.69 -15.73 -15.93
CA ASP A 363 -2.79 -16.45 -16.56
C ASP A 363 -3.93 -16.62 -15.57
N ASP A 364 -4.39 -15.46 -15.09
CA ASP A 364 -5.47 -15.33 -14.14
C ASP A 364 -5.36 -16.29 -12.95
N LYS A 365 -4.12 -16.45 -12.50
CA LYS A 365 -3.78 -17.29 -11.36
C LYS A 365 -2.86 -16.44 -10.47
N LEU A 366 -3.08 -16.49 -9.16
CA LEU A 366 -2.29 -15.70 -8.21
C LEU A 366 -1.44 -16.62 -7.35
N TYR A 367 -0.16 -16.31 -7.28
CA TYR A 367 0.79 -17.11 -6.50
C TYR A 367 1.66 -16.20 -5.64
N CYS A 368 2.21 -16.76 -4.56
CA CYS A 368 3.12 -16.03 -3.69
C CYS A 368 4.27 -16.94 -3.26
N LEU A 369 5.49 -16.41 -3.33
CA LEU A 369 6.70 -17.10 -2.89
C LEU A 369 7.16 -16.23 -1.72
N HIS A 370 7.12 -16.76 -0.51
CA HIS A 370 7.55 -15.99 0.65
C HIS A 370 8.33 -16.80 1.67
N GLU A 371 9.02 -16.09 2.54
CA GLU A 371 9.84 -16.72 3.57
C GLU A 371 9.05 -17.24 4.76
N ILE A 372 9.58 -18.32 5.36
CA ILE A 372 9.04 -18.86 6.60
C ILE A 372 10.36 -19.05 7.35
N ASN A 373 10.41 -18.52 8.57
CA ASN A 373 11.60 -18.55 9.43
C ASN A 373 11.36 -19.16 10.82
N SER A 374 12.13 -20.19 11.18
CA SER A 374 12.05 -20.79 12.51
C SER A 374 13.48 -20.87 13.02
N ASN A 375 13.77 -20.12 14.08
CA ASN A 375 15.10 -20.12 14.68
C ASN A 375 16.16 -19.66 13.69
N GLU A 376 15.81 -18.69 12.87
CA GLU A 376 16.73 -18.14 11.88
C GLU A 376 17.24 -19.14 10.84
N VAL A 377 16.35 -20.06 10.44
CA VAL A 377 16.62 -21.06 9.40
C VAL A 377 15.43 -20.80 8.45
N TYR A 378 15.72 -20.22 7.29
CA TYR A 378 14.70 -19.86 6.33
C TYR A 378 14.48 -20.79 5.14
N SER A 379 13.20 -20.81 4.72
N SER A 379 13.21 -20.85 4.75
CA SER A 379 12.72 -21.61 3.59
CA SER A 379 12.74 -21.64 3.61
C SER A 379 11.76 -20.68 2.84
C SER A 379 11.84 -20.67 2.81
N LEU A 380 11.52 -20.99 1.56
CA LEU A 380 10.62 -20.18 0.76
C LEU A 380 9.48 -21.11 0.36
N VAL A 381 8.27 -20.83 0.81
CA VAL A 381 7.14 -21.67 0.44
C VAL A 381 6.53 -21.04 -0.79
N PHE A 382 5.90 -21.87 -1.63
CA PHE A 382 5.26 -21.41 -2.86
C PHE A 382 3.75 -21.67 -2.66
N ALA A 383 2.99 -20.58 -2.50
CA ALA A 383 1.53 -20.63 -2.26
C ALA A 383 0.67 -20.30 -3.47
N ARG A 384 -0.45 -21.00 -3.62
CA ARG A 384 -1.39 -20.75 -4.73
C ARG A 384 -2.53 -20.03 -4.05
N LEU A 385 -2.61 -18.73 -4.31
CA LEU A 385 -3.62 -17.83 -3.76
C LEU A 385 -4.97 -17.94 -4.50
N VAL A 386 -5.67 -19.05 -4.27
CA VAL A 386 -6.94 -19.30 -4.93
C VAL A 386 -8.09 -18.54 -4.30
N GLY A 387 -8.26 -18.69 -2.99
CA GLY A 387 -9.33 -18.00 -2.30
C GLY A 387 -9.10 -16.50 -2.38
N GLU A 388 -7.84 -16.09 -2.23
CA GLU A 388 -7.42 -14.67 -2.28
C GLU A 388 -7.83 -13.97 -3.59
N LEU A 389 -7.55 -14.59 -4.73
CA LEU A 389 -7.91 -14.01 -6.02
C LEU A 389 -9.43 -13.95 -6.17
N ARG A 390 -10.14 -14.83 -5.46
CA ARG A 390 -11.59 -14.88 -5.51
C ARG A 390 -12.12 -13.64 -4.83
N ILE A 391 -11.60 -13.39 -3.64
CA ILE A 391 -11.98 -12.25 -2.84
C ILE A 391 -11.66 -10.97 -3.63
N ILE A 392 -10.45 -10.92 -4.17
CA ILE A 392 -10.00 -9.79 -4.96
C ILE A 392 -10.96 -9.49 -6.12
N LYS A 393 -11.32 -10.50 -6.92
CA LYS A 393 -12.22 -10.27 -8.07
C LYS A 393 -13.59 -9.73 -7.62
N SER A 394 -14.08 -10.30 -6.53
CA SER A 394 -15.34 -9.90 -5.91
C SER A 394 -15.33 -8.43 -5.48
N VAL A 395 -14.30 -8.03 -4.74
CA VAL A 395 -14.18 -6.65 -4.26
C VAL A 395 -14.10 -5.66 -5.45
N LEU A 396 -13.38 -6.05 -6.50
CA LEU A 396 -13.23 -5.22 -7.66
C LEU A 396 -14.56 -5.15 -8.39
N GLN A 397 -15.34 -6.22 -8.31
CA GLN A 397 -16.65 -6.24 -8.98
C GLN A 397 -17.49 -5.19 -8.26
N SER A 398 -17.38 -5.15 -6.93
CA SER A 398 -18.08 -4.19 -6.06
C SER A 398 -17.71 -2.74 -6.33
N TRP A 399 -16.42 -2.46 -6.49
CA TRP A 399 -15.95 -1.11 -6.82
C TRP A 399 -16.46 -0.66 -8.21
N LYS A 400 -16.33 -1.56 -9.18
CA LYS A 400 -16.74 -1.25 -10.55
C LYS A 400 -18.25 -0.99 -10.62
N ASN A 401 -18.99 -1.81 -9.89
CA ASN A 401 -20.44 -1.72 -9.86
C ASN A 401 -20.95 -0.45 -9.22
N TRP A 402 -20.43 -0.14 -8.04
CA TRP A 402 -20.87 1.06 -7.35
C TRP A 402 -20.43 2.30 -8.11
N ASP A 403 -19.28 2.23 -8.76
CA ASP A 403 -18.81 3.36 -9.54
C ASP A 403 -19.72 3.52 -10.76
N SER A 404 -20.01 2.40 -11.43
CA SER A 404 -20.90 2.38 -12.59
C SER A 404 -22.29 2.89 -12.13
N HIS A 405 -22.80 2.33 -11.06
CA HIS A 405 -24.09 2.77 -10.55
C HIS A 405 -24.13 4.32 -10.40
N LEU A 406 -23.27 4.88 -9.56
CA LEU A 406 -23.23 6.33 -9.36
C LEU A 406 -23.02 7.13 -10.67
N SER A 407 -22.05 6.70 -11.48
CA SER A 407 -21.77 7.38 -12.76
C SER A 407 -22.91 7.40 -13.79
N SER A 408 -23.77 6.39 -13.73
CA SER A 408 -24.91 6.25 -14.65
C SER A 408 -26.18 6.98 -14.18
N ILE A 409 -26.14 7.57 -13.00
CA ILE A 409 -27.28 8.30 -12.52
C ILE A 409 -27.47 9.59 -13.32
N CYS A 410 -28.67 9.74 -13.87
CA CYS A 410 -29.03 10.92 -14.63
C CYS A 410 -29.40 11.98 -13.59
N THR A 411 -28.46 12.88 -13.31
CA THR A 411 -28.66 13.93 -12.32
C THR A 411 -29.60 15.03 -12.82
N PRO A 412 -30.36 15.64 -11.90
CA PRO A 412 -31.34 16.70 -12.18
C PRO A 412 -30.74 17.83 -13.02
N ALA A 413 -31.34 18.07 -14.19
CA ALA A 413 -30.86 19.12 -15.07
C ALA A 413 -31.26 20.50 -14.55
N GLY A 423 -30.95 16.56 -20.55
CA GLY A 423 -31.97 16.04 -19.65
C GLY A 423 -31.38 15.76 -18.27
N CYS A 424 -30.08 15.53 -18.26
CA CYS A 424 -29.34 15.25 -17.01
C CYS A 424 -28.29 16.35 -16.80
N GLY A 425 -27.92 16.56 -15.54
CA GLY A 425 -26.90 17.53 -15.24
C GLY A 425 -25.62 16.73 -15.29
N PRO A 426 -24.50 17.28 -14.78
CA PRO A 426 -23.23 16.57 -14.77
C PRO A 426 -23.36 15.27 -13.95
N ALA A 427 -22.60 14.23 -14.28
CA ALA A 427 -22.68 12.96 -13.56
C ALA A 427 -22.07 13.04 -12.14
N VAL A 428 -22.54 12.17 -11.23
CA VAL A 428 -21.98 12.15 -9.88
C VAL A 428 -20.51 11.77 -10.04
N THR A 429 -19.61 12.48 -9.38
CA THR A 429 -18.18 12.15 -9.49
C THR A 429 -17.78 10.98 -8.60
N THR A 430 -17.08 10.02 -9.19
CA THR A 430 -16.61 8.87 -8.43
C THR A 430 -15.09 8.96 -8.37
N VAL A 431 -14.50 10.05 -8.85
CA VAL A 431 -13.04 10.18 -8.81
C VAL A 431 -12.61 10.65 -7.42
N GLY A 432 -11.92 9.75 -6.72
CA GLY A 432 -11.48 10.08 -5.38
C GLY A 432 -12.46 9.58 -4.32
N LEU A 433 -13.54 8.89 -4.74
CA LEU A 433 -14.52 8.35 -3.80
C LEU A 433 -13.93 7.13 -3.10
N VAL A 434 -13.64 7.26 -1.82
CA VAL A 434 -13.01 6.20 -1.03
C VAL A 434 -13.96 5.34 -0.22
N GLY A 435 -14.91 5.97 0.47
CA GLY A 435 -15.84 5.22 1.28
C GLY A 435 -17.23 5.77 1.12
N PHE A 436 -18.22 4.92 1.37
CA PHE A 436 -19.63 5.29 1.24
C PHE A 436 -20.41 4.51 2.28
N LEU A 437 -21.01 5.20 3.25
CA LEU A 437 -21.86 4.56 4.28
C LEU A 437 -23.31 4.83 3.84
N SER A 438 -24.05 3.78 3.51
CA SER A 438 -25.40 3.95 3.02
C SER A 438 -26.43 3.00 3.66
N HIS A 439 -27.17 2.25 2.85
CA HIS A 439 -28.22 1.39 3.38
C HIS A 439 -27.78 0.25 4.31
N SER A 440 -26.72 -0.46 3.92
N SER A 440 -26.73 -0.46 3.92
CA SER A 440 -26.21 -1.60 4.68
CA SER A 440 -26.21 -1.60 4.67
C SER A 440 -25.61 -1.28 6.03
C SER A 440 -25.61 -1.28 6.03
N ALA A 441 -26.17 -1.88 7.07
CA ALA A 441 -25.71 -1.68 8.43
C ALA A 441 -26.08 -2.91 9.25
N THR A 442 -25.19 -3.32 10.14
CA THR A 442 -25.50 -4.46 10.99
C THR A 442 -25.82 -3.83 12.34
N LYS A 443 -26.00 -4.66 13.37
CA LYS A 443 -26.36 -4.14 14.69
C LYS A 443 -25.35 -3.15 15.24
N THR A 444 -24.06 -3.41 15.02
CA THR A 444 -23.05 -2.51 15.54
C THR A 444 -22.19 -1.78 14.50
N GLU A 445 -22.33 -2.11 13.22
CA GLU A 445 -21.55 -1.43 12.17
C GLU A 445 -22.31 -0.85 10.99
N TRP A 446 -21.82 0.30 10.53
CA TRP A 446 -22.38 0.96 9.35
C TRP A 446 -21.40 0.49 8.25
N GLU A 447 -21.90 -0.22 7.26
CA GLU A 447 -21.03 -0.80 6.26
C GLU A 447 -20.61 0.05 5.07
N ASP A 448 -19.31 -0.02 4.78
CA ASP A 448 -18.68 0.68 3.66
C ASP A 448 -19.10 -0.13 2.41
N ALA A 449 -19.70 0.55 1.44
CA ALA A 449 -20.15 -0.09 0.21
C ALA A 449 -18.91 -0.51 -0.56
N TYR A 450 -17.80 0.18 -0.28
CA TYR A 450 -16.53 -0.17 -0.94
C TYR A 450 -15.80 -1.27 -0.18
N ARG A 451 -16.44 -1.73 0.89
CA ARG A 451 -15.94 -2.86 1.64
C ARG A 451 -14.56 -2.76 2.25
N CYS A 452 -14.11 -1.56 2.59
CA CYS A 452 -12.76 -1.42 3.16
C CYS A 452 -12.71 -1.01 4.61
N VAL A 453 -13.56 -0.06 4.96
CA VAL A 453 -13.61 0.46 6.32
C VAL A 453 -15.04 0.75 6.74
N ASN A 454 -15.50 -0.03 7.72
CA ASN A 454 -16.83 0.14 8.27
C ASN A 454 -16.75 1.17 9.41
N ALA A 455 -17.91 1.68 9.78
CA ALA A 455 -18.01 2.62 10.88
C ALA A 455 -18.71 1.86 12.00
N SER A 456 -18.21 2.04 13.23
CA SER A 456 -18.80 1.41 14.39
C SER A 456 -19.95 2.31 14.88
N THR A 457 -21.00 1.71 15.43
CA THR A 457 -22.15 2.49 15.88
C THR A 457 -22.63 2.20 17.29
N ALA A 458 -23.45 3.13 17.79
CA ALA A 458 -24.08 3.07 19.09
C ALA A 458 -25.46 3.79 19.02
N ASN A 459 -26.48 3.23 19.65
CA ASN A 459 -27.81 3.84 19.68
C ASN A 459 -28.33 4.21 18.29
N ALA A 460 -28.13 3.31 17.32
CA ALA A 460 -28.59 3.62 15.97
C ALA A 460 -29.70 2.68 15.51
N GLU A 461 -30.64 3.27 14.82
CA GLU A 461 -31.78 2.57 14.27
C GLU A 461 -31.66 2.66 12.76
N ARG A 462 -31.67 1.51 12.09
CA ARG A 462 -31.53 1.50 10.63
C ARG A 462 -32.73 2.13 9.91
N VAL A 463 -32.45 3.03 8.98
CA VAL A 463 -33.49 3.67 8.19
C VAL A 463 -33.03 3.58 6.73
N PRO A 464 -33.91 3.88 5.76
CA PRO A 464 -33.45 3.79 4.37
C PRO A 464 -32.14 4.57 4.14
N ASN A 465 -31.16 3.93 3.52
CA ASN A 465 -29.84 4.54 3.23
C ASN A 465 -29.11 5.16 4.42
N GLY A 466 -29.37 4.70 5.63
CA GLY A 466 -28.66 5.32 6.72
C GLY A 466 -29.05 4.85 8.08
N LEU A 467 -28.81 5.69 9.08
CA LEU A 467 -29.11 5.39 10.47
C LEU A 467 -29.71 6.58 11.20
N LYS A 468 -30.50 6.29 12.24
CA LYS A 468 -31.16 7.30 13.06
C LYS A 468 -30.55 7.14 14.46
N PHE A 469 -29.98 8.21 15.01
CA PHE A 469 -29.33 8.12 16.32
C PHE A 469 -30.05 8.89 17.40
N ALA A 470 -29.68 8.61 18.65
CA ALA A 470 -30.22 9.28 19.82
C ALA A 470 -29.58 8.79 21.11
N GLY A 471 -29.52 9.68 22.10
CA GLY A 471 -28.96 9.29 23.37
C GLY A 471 -27.50 9.66 23.59
N VAL A 472 -27.16 9.91 24.85
CA VAL A 472 -25.78 10.24 25.20
C VAL A 472 -25.03 9.02 24.70
N GLY A 473 -23.89 9.24 24.04
CA GLY A 473 -23.13 8.12 23.52
C GLY A 473 -23.55 7.61 22.14
N GLY A 474 -24.59 8.21 21.59
CA GLY A 474 -25.07 7.80 20.28
C GLY A 474 -24.20 8.35 19.14
N GLY A 475 -24.27 7.70 17.97
CA GLY A 475 -23.48 8.16 16.83
C GLY A 475 -22.71 7.08 16.07
N ALA A 476 -21.93 7.48 15.05
CA ALA A 476 -21.11 6.54 14.29
C ALA A 476 -19.68 7.07 14.27
N LEU A 477 -18.72 6.15 14.25
CA LEU A 477 -17.30 6.48 14.23
C LEU A 477 -16.58 5.75 13.09
N TRP A 478 -16.13 6.54 12.09
CA TRP A 478 -15.41 6.04 10.92
C TRP A 478 -13.94 6.28 11.26
N PRO A 479 -13.20 5.23 11.64
CA PRO A 479 -11.80 5.43 12.00
C PRO A 479 -10.82 5.85 10.93
N VAL A 480 -9.91 6.75 11.35
CA VAL A 480 -8.82 7.26 10.53
C VAL A 480 -7.55 6.79 11.28
N SER A 481 -7.01 7.53 12.25
CA SER A 481 -5.81 6.99 12.95
C SER A 481 -6.19 5.78 13.80
N GLN A 482 -7.48 5.64 14.10
CA GLN A 482 -8.00 4.51 14.89
C GLN A 482 -7.95 3.18 14.15
N GLN A 483 -7.69 3.21 12.85
CA GLN A 483 -7.62 1.98 12.07
C GLN A 483 -6.43 1.18 12.55
N GLY A 484 -5.48 1.87 13.18
CA GLY A 484 -4.34 1.18 13.73
C GLY A 484 -3.02 1.17 13.03
N GLN A 485 -2.50 -0.02 12.87
CA GLN A 485 -1.21 -0.22 12.21
C GLN A 485 -1.31 0.31 10.78
N ASN A 486 -2.38 -0.07 10.09
CA ASN A 486 -2.58 0.32 8.70
C ASN A 486 -3.75 1.29 8.61
N GLN A 487 -3.39 2.51 8.22
CA GLN A 487 -4.32 3.62 8.15
C GLN A 487 -4.67 4.02 6.75
N ARG A 488 -5.77 3.46 6.26
CA ARG A 488 -6.19 3.68 4.89
C ARG A 488 -6.66 5.09 4.56
N TYR A 489 -7.03 5.84 5.60
CA TYR A 489 -7.55 7.19 5.41
C TYR A 489 -6.54 8.24 5.83
N HIS A 490 -5.27 7.89 5.78
CA HIS A 490 -4.26 8.84 6.17
C HIS A 490 -4.29 10.10 5.29
N PHE A 491 -4.75 9.92 4.04
CA PHE A 491 -4.86 11.01 3.07
C PHE A 491 -5.71 12.16 3.60
N ALA A 492 -6.60 11.87 4.56
CA ALA A 492 -7.51 12.88 5.09
C ALA A 492 -6.78 13.99 5.80
N ASN A 493 -5.58 13.69 6.28
CA ASN A 493 -4.79 14.69 6.97
C ASN A 493 -4.27 15.78 6.04
N HIS A 494 -4.40 15.55 4.73
CA HIS A 494 -3.94 16.48 3.68
C HIS A 494 -5.09 17.05 2.89
N ALA A 495 -6.13 16.23 2.69
CA ALA A 495 -7.32 16.71 2.01
C ALA A 495 -8.42 15.67 2.00
N PHE A 496 -9.67 16.15 2.07
CA PHE A 496 -10.81 15.25 2.02
C PHE A 496 -12.07 16.02 1.84
N THR A 497 -13.12 15.29 1.50
CA THR A 497 -14.46 15.84 1.41
C THR A 497 -15.37 14.77 2.06
N LEU A 498 -16.13 15.19 3.07
CA LEU A 498 -17.06 14.32 3.75
C LEU A 498 -18.47 14.89 3.43
N VAL A 499 -19.34 14.03 2.88
CA VAL A 499 -20.70 14.43 2.48
C VAL A 499 -21.78 13.60 3.18
N ALA A 500 -22.88 14.26 3.55
CA ALA A 500 -23.99 13.57 4.20
C ALA A 500 -25.31 14.34 4.11
N SER A 501 -26.41 13.59 4.16
CA SER A 501 -27.74 14.18 4.18
C SER A 501 -28.13 14.02 5.66
N VAL A 502 -28.71 15.06 6.25
CA VAL A 502 -29.10 14.99 7.66
C VAL A 502 -30.48 15.57 7.94
N THR A 503 -31.07 15.12 9.05
CA THR A 503 -32.36 15.62 9.50
C THR A 503 -32.32 15.70 11.02
N ILE A 504 -32.59 16.88 11.57
CA ILE A 504 -32.60 17.05 13.03
C ILE A 504 -34.03 16.90 13.59
N HIS A 505 -34.15 15.99 14.55
CA HIS A 505 -35.41 15.61 15.18
C HIS A 505 -35.73 16.32 16.50
N GLU A 506 -34.76 17.00 17.08
CA GLU A 506 -34.95 17.68 18.34
C GLU A 506 -34.02 18.86 18.51
N VAL A 507 -34.58 20.01 18.87
CA VAL A 507 -33.75 21.19 19.11
C VAL A 507 -32.94 20.80 20.36
N PRO A 508 -31.60 20.92 20.30
CA PRO A 508 -30.74 20.55 21.42
C PRO A 508 -30.75 21.53 22.60
N LYS A 509 -30.30 21.06 23.75
CA LYS A 509 -30.25 21.92 24.91
C LYS A 509 -29.18 23.01 24.72
N GLY A 510 -28.06 22.67 24.10
CA GLY A 510 -27.00 23.66 23.89
C GLY A 510 -26.50 23.65 22.45
N ALA A 511 -25.48 22.83 22.22
CA ALA A 511 -24.85 22.63 20.91
C ALA A 511 -24.48 21.15 20.77
N SER A 512 -25.06 20.50 19.78
CA SER A 512 -24.81 19.09 19.58
C SER A 512 -24.07 18.85 18.27
N PRO A 513 -23.21 17.81 18.23
CA PRO A 513 -22.43 17.46 17.04
C PRO A 513 -23.26 16.79 15.94
N LEU A 514 -22.93 17.06 14.68
CA LEU A 514 -23.65 16.43 13.57
C LEU A 514 -22.70 15.59 12.69
N LEU A 515 -21.58 16.21 12.30
CA LEU A 515 -20.62 15.58 11.39
C LEU A 515 -19.28 16.24 11.60
N GLY A 516 -18.19 15.48 11.56
CA GLY A 516 -16.91 16.14 11.75
C GLY A 516 -15.71 15.23 11.71
N ALA A 517 -14.53 15.85 11.67
CA ALA A 517 -13.24 15.16 11.70
C ALA A 517 -12.64 15.55 13.05
N SER A 518 -12.42 14.53 13.89
CA SER A 518 -11.84 14.75 15.19
C SER A 518 -10.34 14.46 15.19
N LEU A 519 -9.59 15.24 15.97
CA LEU A 519 -8.14 15.06 16.10
C LEU A 519 -7.82 14.15 17.27
N ASP A 520 -8.76 13.98 18.19
CA ASP A 520 -8.50 13.09 19.32
C ASP A 520 -9.53 11.99 19.38
N SER A 521 -9.42 11.10 20.38
CA SER A 521 -10.39 9.99 20.42
C SER A 521 -11.76 10.40 20.93
N SER A 522 -11.83 11.45 21.73
CA SER A 522 -13.12 11.89 22.26
C SER A 522 -14.01 12.64 21.26
N GLY A 523 -13.41 13.50 20.44
CA GLY A 523 -14.17 14.28 19.50
C GLY A 523 -14.19 15.72 19.99
N GLY A 524 -13.57 15.94 21.15
CA GLY A 524 -13.51 17.25 21.76
C GLY A 524 -12.48 18.16 21.14
N LYS A 525 -11.46 17.55 20.54
CA LYS A 525 -10.38 18.28 19.85
C LYS A 525 -10.64 18.00 18.34
N LYS A 526 -11.32 18.94 17.70
CA LYS A 526 -11.71 18.84 16.31
C LYS A 526 -10.80 19.51 15.29
N LEU A 527 -10.82 18.95 14.08
CA LEU A 527 -10.11 19.56 12.97
C LEU A 527 -11.13 20.45 12.23
N LEU A 528 -12.25 19.85 11.80
CA LEU A 528 -13.34 20.57 11.08
C LEU A 528 -14.65 19.85 11.43
N GLY A 529 -15.68 20.61 11.83
CA GLY A 529 -16.93 19.97 12.17
C GLY A 529 -18.19 20.81 11.96
N LEU A 530 -19.33 20.15 12.13
CA LEU A 530 -20.62 20.81 12.06
C LEU A 530 -21.51 20.38 13.23
N SER A 531 -21.88 21.38 14.04
CA SER A 531 -22.78 21.21 15.17
C SER A 531 -24.00 22.10 14.87
N TYR A 532 -25.04 21.94 15.67
CA TYR A 532 -26.28 22.73 15.53
C TYR A 532 -26.68 23.12 16.97
N ASP A 533 -27.21 24.31 17.18
CA ASP A 533 -27.54 24.77 18.54
C ASP A 533 -29.02 25.07 18.81
N LYS A 534 -29.35 25.21 20.11
CA LYS A 534 -30.72 25.46 20.57
C LYS A 534 -31.39 26.72 20.00
N ARG A 535 -30.64 27.51 19.26
CA ARG A 535 -31.17 28.73 18.66
C ARG A 535 -31.36 28.56 17.17
N HIS A 536 -31.48 27.30 16.76
CA HIS A 536 -31.71 26.92 15.35
C HIS A 536 -30.64 27.44 14.40
N GLN A 537 -29.40 27.45 14.85
CA GLN A 537 -28.31 27.91 13.99
C GLN A 537 -27.26 26.84 13.83
N TRP A 538 -26.48 26.97 12.77
CA TRP A 538 -25.41 26.01 12.51
C TRP A 538 -24.17 26.46 13.28
N GLN A 539 -23.37 25.49 13.70
CA GLN A 539 -22.14 25.83 14.41
C GLN A 539 -20.96 25.10 13.79
N PRO A 540 -20.40 25.71 12.73
CA PRO A 540 -19.24 25.18 12.01
C PRO A 540 -18.01 25.43 12.91
N ILE A 541 -17.20 24.39 13.07
CA ILE A 541 -16.04 24.45 13.92
C ILE A 541 -14.78 24.34 13.06
N TYR A 542 -13.91 25.34 13.21
CA TYR A 542 -12.67 25.40 12.46
C TYR A 542 -11.47 25.24 13.40
N GLY A 543 -11.03 24.00 13.61
CA GLY A 543 -9.92 23.75 14.50
C GLY A 543 -10.33 24.15 15.90
N SER A 544 -9.44 24.84 16.61
CA SER A 544 -9.74 25.25 17.99
C SER A 544 -10.19 26.71 18.03
N THR A 545 -10.48 27.27 16.86
CA THR A 545 -10.94 28.64 16.73
C THR A 545 -12.29 28.81 17.46
N PRO A 546 -12.52 29.98 18.11
CA PRO A 546 -13.79 30.22 18.83
C PRO A 546 -15.00 30.10 17.85
N VAL A 547 -16.04 29.36 18.23
CA VAL A 547 -17.19 29.15 17.36
C VAL A 547 -18.15 30.33 17.23
N THR A 548 -18.74 30.44 16.06
CA THR A 548 -19.68 31.50 15.78
C THR A 548 -20.88 30.87 15.06
N PRO A 549 -22.04 30.81 15.73
CA PRO A 549 -23.24 30.24 15.09
C PRO A 549 -23.53 31.02 13.80
N THR A 550 -24.24 30.41 12.85
CA THR A 550 -24.54 31.11 11.61
C THR A 550 -25.66 30.37 10.90
N GLY A 551 -26.43 31.11 10.09
CA GLY A 551 -27.52 30.52 9.34
C GLY A 551 -28.58 29.97 10.26
N SER A 552 -29.59 29.30 9.71
CA SER A 552 -30.64 28.70 10.52
C SER A 552 -31.11 27.42 9.86
N TRP A 553 -31.85 26.64 10.64
CA TRP A 553 -32.42 25.39 10.18
C TRP A 553 -33.72 25.19 10.91
N GLU A 554 -34.57 24.32 10.38
CA GLU A 554 -35.81 24.02 11.05
C GLU A 554 -35.80 22.54 11.41
N MET A 555 -36.33 22.21 12.58
CA MET A 555 -36.36 20.82 13.02
C MET A 555 -37.20 19.97 12.04
N GLY A 556 -36.78 18.72 11.85
CA GLY A 556 -37.50 17.84 10.94
C GLY A 556 -37.20 18.05 9.46
N LYS A 557 -36.49 19.13 9.10
CA LYS A 557 -36.17 19.38 7.69
C LYS A 557 -34.87 18.68 7.24
N ARG A 558 -34.85 18.14 6.03
CA ARG A 558 -33.64 17.46 5.56
C ARG A 558 -32.64 18.42 4.89
N TYR A 559 -31.38 18.31 5.29
CA TYR A 559 -30.30 19.16 4.76
C TYR A 559 -29.16 18.36 4.14
N HIS A 560 -28.41 19.00 3.25
CA HIS A 560 -27.27 18.39 2.62
C HIS A 560 -25.97 19.07 3.15
N VAL A 561 -25.09 18.28 3.76
CA VAL A 561 -23.85 18.84 4.35
C VAL A 561 -22.58 18.36 3.66
N VAL A 562 -21.68 19.31 3.44
CA VAL A 562 -20.39 19.01 2.85
C VAL A 562 -19.31 19.70 3.68
N LEU A 563 -18.33 18.91 4.08
CA LEU A 563 -17.17 19.41 4.79
C LEU A 563 -16.01 19.06 3.84
N THR A 564 -15.15 20.06 3.55
CA THR A 564 -13.95 19.88 2.70
C THR A 564 -12.79 20.52 3.45
N MET A 565 -11.62 19.97 3.18
CA MET A 565 -10.39 20.47 3.69
C MET A 565 -9.30 20.16 2.70
N ALA A 566 -8.54 21.19 2.37
CA ALA A 566 -7.43 21.09 1.47
C ALA A 566 -6.66 22.37 1.70
N ASN A 567 -5.33 22.32 1.61
CA ASN A 567 -4.54 23.56 1.80
C ASN A 567 -4.69 24.15 3.21
N LYS A 568 -4.89 23.27 4.19
CA LYS A 568 -5.04 23.65 5.60
C LYS A 568 -6.25 24.51 5.87
N ILE A 569 -7.16 24.54 4.91
CA ILE A 569 -8.37 25.33 5.01
C ILE A 569 -9.62 24.45 4.99
N GLY A 570 -10.53 24.71 5.93
CA GLY A 570 -11.78 23.98 6.00
C GLY A 570 -13.00 24.81 5.60
N SER A 571 -13.94 24.16 4.92
CA SER A 571 -15.17 24.80 4.51
C SER A 571 -16.38 23.90 4.82
N VAL A 572 -17.52 24.55 5.10
CA VAL A 572 -18.77 23.86 5.42
C VAL A 572 -19.90 24.42 4.54
N TYR A 573 -20.56 23.49 3.83
CA TYR A 573 -21.67 23.80 2.92
C TYR A 573 -22.94 23.15 3.44
N ILE A 574 -24.05 23.87 3.31
CA ILE A 574 -25.35 23.34 3.70
C ILE A 574 -26.18 23.53 2.43
N ASP A 575 -26.78 22.44 1.95
CA ASP A 575 -27.59 22.48 0.75
C ASP A 575 -26.83 23.09 -0.42
N GLY A 576 -25.57 22.64 -0.57
CA GLY A 576 -24.72 23.09 -1.66
C GLY A 576 -24.05 24.45 -1.59
N GLU A 577 -24.38 25.26 -0.59
CA GLU A 577 -23.80 26.60 -0.51
C GLU A 577 -22.97 26.81 0.75
N PRO A 578 -21.81 27.51 0.63
CA PRO A 578 -20.92 27.78 1.76
C PRO A 578 -21.64 28.58 2.86
N LEU A 579 -21.32 28.33 4.12
CA LEU A 579 -21.93 29.08 5.20
C LEU A 579 -21.13 30.39 5.22
N GLU A 580 -21.71 31.46 5.79
N GLU A 580 -21.70 31.46 5.78
CA GLU A 580 -20.99 32.73 5.84
CA GLU A 580 -20.97 32.72 5.81
C GLU A 580 -19.73 32.53 6.69
C GLU A 580 -19.75 32.55 6.70
N GLY A 581 -18.62 33.12 6.24
CA GLY A 581 -17.39 33.01 6.99
C GLY A 581 -16.72 31.63 6.94
N SER A 582 -17.13 30.81 5.98
CA SER A 582 -16.55 29.49 5.84
C SER A 582 -15.27 29.62 5.02
N GLY A 583 -14.32 28.72 5.27
CA GLY A 583 -13.07 28.77 4.55
C GLY A 583 -12.03 29.38 5.48
N GLN A 584 -11.80 28.72 6.61
CA GLN A 584 -10.85 29.19 7.60
C GLN A 584 -9.73 28.20 7.72
N THR A 585 -8.60 28.68 8.23
CA THR A 585 -7.45 27.83 8.46
C THR A 585 -7.76 26.91 9.64
N VAL A 586 -7.67 25.58 9.43
CA VAL A 586 -7.94 24.60 10.48
C VAL A 586 -6.69 23.84 10.92
N VAL A 587 -5.58 24.09 10.23
CA VAL A 587 -4.29 23.46 10.55
C VAL A 587 -3.42 24.67 10.84
N PRO A 588 -3.30 25.03 12.14
CA PRO A 588 -2.54 26.15 12.69
C PRO A 588 -1.07 26.28 12.35
N ASP A 589 -0.26 25.29 12.65
CA ASP A 589 1.16 25.44 12.32
C ASP A 589 1.61 24.52 11.22
N GLU A 590 2.88 24.15 11.25
CA GLU A 590 3.43 23.33 10.20
C GLU A 590 3.35 21.81 10.40
N ARG A 591 2.94 21.40 11.60
CA ARG A 591 2.80 19.98 11.88
C ARG A 591 1.56 19.48 11.14
N THR A 592 1.63 18.27 10.61
CA THR A 592 0.51 17.69 9.90
C THR A 592 -0.53 17.11 10.84
N PRO A 593 -1.81 17.27 10.50
CA PRO A 593 -2.86 16.73 11.36
C PRO A 593 -2.70 15.23 11.52
N ASP A 594 -3.30 14.71 12.59
CA ASP A 594 -3.34 13.27 12.88
C ASP A 594 -4.81 12.98 13.29
N ILE A 595 -5.71 13.06 12.31
CA ILE A 595 -7.15 12.78 12.51
C ILE A 595 -7.34 11.35 13.10
N SER A 596 -8.11 11.29 14.17
CA SER A 596 -8.40 10.03 14.84
C SER A 596 -9.58 9.35 14.14
N HIS A 597 -10.54 10.16 13.73
CA HIS A 597 -11.74 9.60 13.10
C HIS A 597 -12.74 10.65 12.67
N PHE A 598 -13.74 10.20 11.92
CA PHE A 598 -14.83 11.09 11.55
C PHE A 598 -15.96 10.66 12.50
N TYR A 599 -16.73 11.62 13.00
CA TYR A 599 -17.87 11.27 13.83
C TYR A 599 -19.10 11.72 13.05
N VAL A 600 -20.14 10.89 13.11
CA VAL A 600 -21.36 11.13 12.35
C VAL A 600 -22.59 10.89 13.26
N GLY A 601 -23.43 11.93 13.38
CA GLY A 601 -24.65 11.84 14.18
C GLY A 601 -24.51 11.70 15.69
N GLY A 602 -23.40 12.22 16.21
CA GLY A 602 -23.08 12.16 17.62
C GLY A 602 -21.60 11.82 17.68
N TYR A 603 -21.03 11.72 18.87
CA TYR A 603 -19.61 11.40 19.05
C TYR A 603 -19.32 9.91 19.23
N LYS A 604 -20.38 9.14 19.45
CA LYS A 604 -20.34 7.72 19.78
C LYS A 604 -19.49 7.55 21.05
N ARG A 605 -19.58 8.54 21.93
CA ARG A 605 -18.87 8.55 23.22
C ARG A 605 -19.86 8.90 24.32
N SER A 606 -20.22 7.91 25.13
CA SER A 606 -21.15 8.10 26.26
C SER A 606 -20.58 9.15 27.25
N GLY A 607 -19.26 9.41 27.14
CA GLY A 607 -18.55 10.36 27.97
C GLY A 607 -18.79 11.81 27.56
N MET A 608 -19.28 12.05 26.34
CA MET A 608 -19.56 13.41 25.93
C MET A 608 -20.99 13.61 26.43
N PRO A 609 -21.28 14.80 26.97
CA PRO A 609 -22.63 15.05 27.50
C PRO A 609 -23.74 15.06 26.42
N THR A 610 -23.47 15.76 25.32
CA THR A 610 -24.38 15.91 24.17
C THR A 610 -25.27 14.71 23.81
N ASP A 611 -26.42 15.02 23.19
CA ASP A 611 -27.37 14.00 22.72
C ASP A 611 -27.86 14.45 21.35
N SER A 612 -27.43 13.75 20.31
CA SER A 612 -27.86 14.13 18.96
C SER A 612 -28.96 13.21 18.46
N ARG A 613 -30.12 13.81 18.25
CA ARG A 613 -31.31 13.10 17.75
C ARG A 613 -31.41 13.52 16.27
N VAL A 614 -30.81 12.70 15.42
CA VAL A 614 -30.77 13.02 13.99
C VAL A 614 -30.65 11.77 13.14
N THR A 615 -31.02 11.91 11.86
CA THR A 615 -30.88 10.82 10.90
C THR A 615 -29.81 11.28 9.92
N VAL A 616 -28.87 10.41 9.62
CA VAL A 616 -27.83 10.71 8.64
C VAL A 616 -27.82 9.62 7.57
N ASN A 617 -27.88 10.04 6.30
CA ASN A 617 -27.91 9.08 5.19
C ASN A 617 -26.76 9.30 4.24
N ASN A 618 -26.43 8.26 3.49
CA ASN A 618 -25.41 8.33 2.46
C ASN A 618 -24.21 9.22 2.71
N VAL A 619 -23.32 8.75 3.59
CA VAL A 619 -22.10 9.48 3.92
C VAL A 619 -21.01 9.07 2.92
N LEU A 620 -20.49 10.06 2.18
CA LEU A 620 -19.45 9.86 1.17
C LEU A 620 -18.12 10.47 1.65
N LEU A 621 -17.03 9.74 1.39
CA LEU A 621 -15.68 10.18 1.74
C LEU A 621 -14.81 10.22 0.48
N TYR A 622 -14.29 11.41 0.17
CA TYR A 622 -13.39 11.64 -0.99
C TYR A 622 -11.97 12.01 -0.55
N ASN A 623 -10.95 11.62 -1.33
CA ASN A 623 -9.56 11.93 -0.97
C ASN A 623 -9.02 13.24 -1.55
N ARG A 624 -9.93 14.15 -1.88
CA ARG A 624 -9.57 15.46 -2.42
C ARG A 624 -10.69 16.40 -2.07
N GLN A 625 -10.46 17.69 -2.25
CA GLN A 625 -11.49 18.69 -2.02
C GLN A 625 -12.32 18.78 -3.32
N LEU A 626 -13.63 18.51 -3.25
CA LEU A 626 -14.50 18.55 -4.43
C LEU A 626 -14.68 19.99 -4.86
N ASN A 627 -14.99 20.21 -6.13
CA ASN A 627 -15.16 21.57 -6.58
C ASN A 627 -16.64 21.93 -6.52
N ALA A 628 -16.92 23.22 -6.69
CA ALA A 628 -18.28 23.76 -6.64
C ALA A 628 -19.30 22.98 -7.45
N GLU A 629 -18.95 22.55 -8.66
CA GLU A 629 -19.90 21.80 -9.49
C GLU A 629 -20.19 20.41 -8.94
N GLU A 630 -19.15 19.73 -8.46
CA GLU A 630 -19.30 18.39 -7.91
C GLU A 630 -20.12 18.45 -6.61
N ILE A 631 -19.94 19.52 -5.86
CA ILE A 631 -20.69 19.70 -4.62
C ILE A 631 -22.18 19.94 -4.94
N ARG A 632 -22.42 20.72 -5.99
CA ARG A 632 -23.74 21.08 -6.50
C ARG A 632 -24.49 19.84 -7.01
N THR A 633 -23.81 19.00 -7.76
CA THR A 633 -24.42 17.79 -8.29
C THR A 633 -24.78 16.82 -7.14
N LEU A 634 -23.89 16.68 -6.15
CA LEU A 634 -24.16 15.78 -5.01
C LEU A 634 -25.39 16.24 -4.27
N PHE A 635 -25.50 17.55 -4.05
CA PHE A 635 -26.69 18.10 -3.40
C PHE A 635 -28.01 17.78 -4.16
N LEU A 636 -28.05 18.16 -5.44
CA LEU A 636 -29.23 17.94 -6.27
C LEU A 636 -29.59 16.45 -6.42
N SER A 637 -28.55 15.62 -6.37
CA SER A 637 -28.69 14.17 -6.53
C SER A 637 -28.79 13.36 -5.27
N GLN A 638 -28.91 14.01 -4.12
CA GLN A 638 -28.91 13.27 -2.87
C GLN A 638 -29.94 12.14 -2.68
N ASP A 639 -31.06 12.21 -3.39
CA ASP A 639 -32.10 11.17 -3.29
C ASP A 639 -32.01 10.08 -4.36
N LEU A 640 -30.89 10.05 -5.06
CA LEU A 640 -30.68 9.10 -6.14
C LEU A 640 -29.50 8.20 -5.90
N ILE A 641 -28.61 8.58 -5.00
CA ILE A 641 -27.39 7.83 -4.80
C ILE A 641 -27.37 6.61 -3.89
N GLY A 642 -28.36 6.51 -2.99
CA GLY A 642 -28.42 5.41 -2.05
C GLY A 642 -28.26 4.00 -2.60
N THR A 643 -27.80 3.11 -1.76
CA THR A 643 -27.58 1.73 -2.18
C THR A 643 -28.80 0.85 -1.93
N GLU A 644 -29.73 1.36 -1.11
CA GLU A 644 -30.96 0.67 -0.69
C GLU A 644 -31.59 -0.34 -1.65
N ALA A 645 -31.91 0.10 -2.87
CA ALA A 645 -32.57 -0.76 -3.86
C ALA A 645 -31.79 -1.99 -4.29
N HIS A 646 -30.46 -1.90 -4.22
CA HIS A 646 -29.57 -3.00 -4.63
C HIS A 646 -28.92 -3.64 -3.41
N MET A 647 -29.56 -3.47 -2.25
CA MET A 647 -29.06 -4.02 -1.00
C MET A 647 -27.95 -3.18 -0.33
CL CL B . 28.15 12.32 2.67
C1 BFN C . 15.75 -8.28 6.45
F1 BFN C . 18.15 -9.67 5.60
C2 BFN C . 16.50 -7.93 5.17
C3 BFN C . 17.35 -9.10 4.62
C4 BFN C . 18.24 -8.62 3.46
O4 BFN C . 19.04 -9.70 2.99
C5 BFN C . 19.15 -7.51 3.98
N5 BFN C . 20.04 -7.03 2.92
C6 BFN C . 18.30 -6.38 4.56
O6 BFN C . 17.39 -6.86 5.56
C7 BFN C . 19.24 -5.39 5.25
O7 BFN C . 20.13 -6.06 6.16
C8 BFN C . 18.44 -4.34 6.03
O8 BFN C . 17.74 -3.51 5.11
C9 BFN C . 19.42 -3.52 6.87
N9 BFN C . 19.90 -4.07 7.98
C10 BFN C . 21.33 -6.76 3.10
O10 BFN C . 21.92 -6.86 4.19
C11 BFN C . 22.07 -6.27 1.86
C12 BFN C . 19.97 -3.38 9.11
O12 BFN C . 19.64 -2.19 9.22
C13 BFN C . 20.52 -4.16 10.31
C14 BFN C . 20.42 -3.63 11.59
C15 BFN C . 20.81 -4.38 12.69
C16 BFN C . 21.31 -5.66 12.51
C17 BFN C . 21.42 -6.19 11.22
C18 BFN C . 21.02 -5.44 10.12
O1B BFN C . 15.36 -7.33 7.16
O1A BFN C . 15.56 -9.48 6.75
N1 EPE D . 18.04 -10.87 12.42
N1 EPE D . 17.80 -11.03 13.13
C2 EPE D . 18.99 -9.76 12.31
C2 EPE D . 18.88 -10.05 12.96
C3 EPE D . 18.43 -8.71 11.33
C3 EPE D . 18.50 -9.06 11.86
N4 EPE D . 18.20 -9.32 10.01
N4 EPE D . 18.27 -9.76 10.58
C5 EPE D . 17.28 -10.46 10.14
C5 EPE D . 17.25 -10.81 10.75
C6 EPE D . 17.85 -11.50 11.09
C6 EPE D . 17.65 -11.77 11.87
C7 EPE D . 17.58 -8.32 9.12
C7 EPE D . 17.78 -8.83 9.56
C8 EPE D . 18.48 -7.10 8.95
C8 EPE D . 18.71 -7.62 9.38
O8 EPE D . 19.73 -7.53 8.40
O8 EPE D . 19.99 -8.06 8.91
C9 EPE D . 18.52 -11.87 13.38
C9 EPE D . 18.07 -11.96 14.23
C10 EPE D . 18.17 -11.42 14.80
C10 EPE D . 17.71 -11.34 15.58
S EPE D . 18.68 -12.61 16.09
S EPE D . 15.93 -11.02 15.86
O1S EPE D . 20.16 -12.47 16.34
O1S EPE D . 15.22 -12.31 16.15
O2S EPE D . 18.39 -14.01 15.63
O2S EPE D . 15.32 -10.38 14.64
O3S EPE D . 17.93 -12.31 17.35
O3S EPE D . 15.78 -10.08 17.02
#